data_7NT4
#
_entry.id   7NT4
#
_cell.length_a   116.370
_cell.length_b   116.370
_cell.length_c   253.566
_cell.angle_alpha   90.000
_cell.angle_beta   90.000
_cell.angle_gamma   120.000
#
_symmetry.space_group_name_H-M   'P 65 2 2'
#
loop_
_entity.id
_entity.type
_entity.pdbx_description
1 polymer 'Non-structural protein 3'
2 non-polymer PROFLAVIN
3 non-polymer 1,2-ETHANEDIOL
4 non-polymer 'ZINC ION'
5 non-polymer 'SULFATE ION'
6 water water
#
_entity_poly.entity_id   1
_entity_poly.type   'polypeptide(L)'
_entity_poly.pdbx_seq_one_letter_code
;GAMEVRTIKVFTTVDNINLHTQVVDMSMTYGQQFGPTYLDGADVTKIKPHNSHEGKTFYVLPNDDTLRVEAFEYYHTTDP
SFLGRYMSALNHTKKWKYPQVNGLTSIKWADNNCYLATALLTLQQIELKFNPPALQDAYYRARAGEAANFCALILAYCNK
TVGELGDVRETMSYLFQHANLDSCKRVLNVVCKTCGQQQTTLKGVEAVMYMGTLSYEQFKKGVQIPCTCGKQATKYLVQQ
ESPFVMMSAPPAQYELKHGTFTCASEYTGNYQCGHYKHITSKETLYCIDGALLTKSSEYKGPITDVFYKENSYTTTIK
;
_entity_poly.pdbx_strand_id   A,B
#
loop_
_chem_comp.id
_chem_comp.type
_chem_comp.name
_chem_comp.formula
EDO non-polymer 1,2-ETHANEDIOL 'C2 H6 O2'
PRL non-polymer PROFLAVIN 'C13 H11 N3'
SO4 non-polymer 'SULFATE ION' 'O4 S -2'
ZN non-polymer 'ZINC ION' 'Zn 2'
#
# COMPACT_ATOMS: atom_id res chain seq x y z
N PHE A 11 -34.36 14.97 -16.13
CA PHE A 11 -34.17 15.01 -14.66
C PHE A 11 -32.67 14.97 -14.29
N THR A 12 -32.37 15.35 -13.04
CA THR A 12 -31.06 15.31 -12.40
C THR A 12 -30.97 14.11 -11.43
N THR A 13 -29.82 13.38 -11.39
CA THR A 13 -29.73 12.21 -10.54
C THR A 13 -28.31 12.02 -9.98
N VAL A 14 -28.16 11.21 -8.92
CA VAL A 14 -26.86 10.75 -8.45
C VAL A 14 -26.74 9.22 -8.50
N ASP A 15 -27.87 8.52 -8.68
CA ASP A 15 -27.89 7.06 -8.63
C ASP A 15 -28.64 6.49 -9.82
N ASN A 16 -29.42 7.34 -10.50
CA ASN A 16 -30.19 6.93 -11.66
C ASN A 16 -31.37 6.06 -11.25
N ILE A 17 -31.69 5.98 -9.96
CA ILE A 17 -32.98 5.42 -9.58
C ILE A 17 -33.90 6.56 -9.22
N ASN A 18 -33.34 7.57 -8.54
CA ASN A 18 -34.06 8.73 -8.02
C ASN A 18 -33.83 9.91 -8.93
N LEU A 19 -34.89 10.38 -9.60
CA LEU A 19 -34.73 11.48 -10.54
C LEU A 19 -35.38 12.74 -9.97
N HIS A 20 -34.67 13.87 -10.02
CA HIS A 20 -35.17 15.16 -9.57
C HIS A 20 -35.24 16.10 -10.78
N THR A 21 -36.43 16.33 -11.36
CA THR A 21 -36.49 17.25 -12.48
C THR A 21 -36.44 18.69 -11.95
N GLN A 22 -35.40 18.98 -11.16
CA GLN A 22 -34.87 20.32 -10.96
C GLN A 22 -33.87 20.59 -12.08
N VAL A 23 -34.39 20.52 -13.32
CA VAL A 23 -33.73 20.82 -14.60
C VAL A 23 -34.19 22.22 -15.08
N VAL A 24 -33.55 22.79 -16.11
CA VAL A 24 -34.04 23.97 -16.82
C VAL A 24 -34.32 23.56 -18.28
N ASP A 25 -35.43 22.83 -18.50
CA ASP A 25 -35.70 21.87 -19.56
C ASP A 25 -36.06 22.50 -20.92
N MET A 26 -36.43 23.80 -20.94
CA MET A 26 -37.05 24.44 -22.08
C MET A 26 -36.33 25.73 -22.47
N SER A 27 -35.36 26.18 -21.66
CA SER A 27 -34.64 27.43 -21.85
C SER A 27 -33.69 27.68 -20.67
N MET A 28 -32.44 27.19 -20.74
CA MET A 28 -31.44 27.46 -19.70
C MET A 28 -30.45 28.50 -20.22
N THR A 29 -29.27 28.02 -20.62
CA THR A 29 -28.30 28.83 -21.35
C THR A 29 -27.62 29.85 -20.44
N TYR A 30 -27.36 29.44 -19.20
CA TYR A 30 -26.10 29.68 -18.53
C TYR A 30 -25.40 28.30 -18.46
N GLY A 31 -24.10 28.27 -18.74
CA GLY A 31 -23.38 27.03 -19.03
C GLY A 31 -23.39 26.08 -17.84
N GLN A 32 -24.37 25.17 -17.86
CA GLN A 32 -24.61 24.09 -16.89
C GLN A 32 -24.21 24.46 -15.47
N GLN A 33 -24.86 25.53 -15.01
CA GLN A 33 -24.92 26.08 -13.66
C GLN A 33 -25.69 25.15 -12.71
N PHE A 34 -25.41 23.84 -12.80
CA PHE A 34 -26.11 22.83 -12.02
C PHE A 34 -25.13 22.09 -11.11
N GLY A 35 -24.02 22.75 -10.73
CA GLY A 35 -22.80 22.05 -10.37
C GLY A 35 -22.28 21.23 -11.56
N PRO A 36 -21.19 20.43 -11.42
CA PRO A 36 -20.74 19.57 -12.52
C PRO A 36 -21.91 18.72 -13.03
N THR A 37 -21.97 18.50 -14.36
CA THR A 37 -23.03 17.68 -14.92
C THR A 37 -22.44 16.63 -15.86
N TYR A 38 -23.22 15.57 -16.15
CA TYR A 38 -22.71 14.49 -16.97
C TYR A 38 -23.85 13.83 -17.72
N LEU A 39 -23.94 14.08 -19.04
CA LEU A 39 -24.87 13.32 -19.87
C LEU A 39 -24.18 12.06 -20.34
N ASP A 40 -24.74 10.97 -19.83
CA ASP A 40 -24.34 9.63 -20.19
C ASP A 40 -22.85 9.45 -19.96
N GLY A 41 -22.33 10.17 -18.97
CA GLY A 41 -21.01 9.89 -18.43
C GLY A 41 -19.92 10.68 -19.13
N ALA A 42 -20.36 11.58 -20.04
CA ALA A 42 -19.50 12.53 -20.70
C ALA A 42 -19.64 13.84 -19.94
N ASP A 43 -18.51 14.45 -19.58
CA ASP A 43 -18.51 15.66 -18.77
C ASP A 43 -19.16 16.82 -19.54
N VAL A 44 -20.34 17.29 -19.10
CA VAL A 44 -21.00 18.35 -19.87
C VAL A 44 -21.06 19.66 -19.09
N THR A 45 -20.23 19.75 -18.04
CA THR A 45 -20.31 20.85 -17.08
C THR A 45 -20.33 22.19 -17.80
N LYS A 46 -19.43 22.35 -18.77
CA LYS A 46 -19.14 23.65 -19.36
C LYS A 46 -19.89 23.84 -20.68
N ILE A 47 -21.13 23.30 -20.80
CA ILE A 47 -21.90 23.48 -22.04
C ILE A 47 -23.35 23.94 -21.78
N LYS A 48 -23.89 24.75 -22.70
CA LYS A 48 -25.29 25.16 -22.75
C LYS A 48 -26.12 24.09 -23.48
N PRO A 49 -27.42 23.89 -23.15
CA PRO A 49 -28.20 22.72 -23.60
C PRO A 49 -28.57 22.64 -25.09
N HIS A 50 -28.65 21.41 -25.65
CA HIS A 50 -28.79 21.19 -27.09
C HIS A 50 -30.17 20.64 -27.46
N ASN A 51 -31.16 21.54 -27.65
CA ASN A 51 -32.55 21.25 -28.02
C ASN A 51 -32.99 19.85 -27.56
N SER A 52 -32.37 18.80 -28.12
CA SER A 52 -32.81 17.42 -27.98
C SER A 52 -32.44 16.83 -26.60
N HIS A 53 -32.41 17.71 -25.60
CA HIS A 53 -31.99 17.33 -24.25
C HIS A 53 -33.21 17.12 -23.37
N GLU A 54 -34.19 18.04 -23.45
CA GLU A 54 -35.34 18.07 -22.56
C GLU A 54 -35.82 16.64 -22.33
N GLY A 55 -35.65 16.12 -21.10
CA GLY A 55 -36.22 14.83 -20.74
C GLY A 55 -35.21 13.69 -20.53
N LYS A 56 -33.98 13.86 -21.02
CA LYS A 56 -32.91 12.89 -20.73
C LYS A 56 -32.42 13.08 -19.29
N THR A 57 -31.57 12.18 -18.79
CA THR A 57 -31.16 12.24 -17.38
C THR A 57 -29.68 12.61 -17.22
N PHE A 58 -29.43 13.72 -16.49
CA PHE A 58 -28.05 14.13 -16.25
C PHE A 58 -27.64 13.81 -14.80
N TYR A 59 -26.47 13.19 -14.63
CA TYR A 59 -25.86 13.04 -13.32
C TYR A 59 -25.19 14.35 -12.93
N VAL A 60 -25.22 14.66 -11.62
CA VAL A 60 -24.64 15.86 -11.01
C VAL A 60 -23.97 15.47 -9.68
N LEU A 61 -23.07 16.31 -9.14
CA LEU A 61 -22.39 15.90 -7.92
C LEU A 61 -23.31 16.18 -6.72
N PRO A 62 -23.35 15.28 -5.70
CA PRO A 62 -24.30 15.43 -4.60
C PRO A 62 -23.87 16.60 -3.71
N ASN A 63 -24.59 17.70 -3.74
CA ASN A 63 -24.08 18.91 -3.12
C ASN A 63 -25.14 19.58 -2.25
N ASP A 64 -26.30 18.94 -2.11
CA ASP A 64 -27.23 19.35 -1.07
C ASP A 64 -27.43 18.14 -0.15
N ASP A 65 -27.98 18.42 1.04
CA ASP A 65 -28.15 17.39 2.06
C ASP A 65 -28.90 16.19 1.46
N THR A 66 -29.92 16.47 0.65
CA THR A 66 -30.85 15.46 0.16
C THR A 66 -30.16 14.50 -0.81
N LEU A 67 -29.21 15.02 -1.62
CA LEU A 67 -28.50 14.20 -2.60
C LEU A 67 -27.42 13.38 -1.92
N ARG A 68 -26.76 13.99 -0.93
CA ARG A 68 -25.59 13.40 -0.29
C ARG A 68 -26.02 12.10 0.42
N VAL A 69 -27.30 12.08 0.82
CA VAL A 69 -27.96 10.94 1.44
C VAL A 69 -28.12 9.81 0.43
N GLU A 70 -28.78 10.14 -0.69
CA GLU A 70 -29.20 9.09 -1.60
C GLU A 70 -27.95 8.47 -2.20
N ALA A 71 -26.93 9.31 -2.34
CA ALA A 71 -25.63 8.95 -2.85
C ALA A 71 -24.95 8.03 -1.85
N PHE A 72 -25.01 8.39 -0.57
CA PHE A 72 -24.41 7.52 0.42
C PHE A 72 -25.13 6.17 0.45
N GLU A 73 -26.48 6.19 0.38
CA GLU A 73 -27.27 4.98 0.50
C GLU A 73 -27.01 4.02 -0.66
N TYR A 74 -26.62 4.59 -1.81
CA TYR A 74 -26.44 3.86 -3.05
C TYR A 74 -25.00 3.35 -3.19
N TYR A 75 -24.01 4.24 -2.98
CA TYR A 75 -22.61 3.90 -3.18
C TYR A 75 -21.95 3.43 -1.89
N HIS A 76 -22.49 3.83 -0.73
CA HIS A 76 -21.96 3.53 0.59
C HIS A 76 -20.58 4.19 0.80
N THR A 77 -20.40 5.43 0.29
CA THR A 77 -19.45 6.45 0.81
C THR A 77 -20.05 7.84 0.62
N THR A 78 -19.53 8.79 1.40
CA THR A 78 -19.94 10.17 1.20
C THR A 78 -18.80 10.99 0.59
N ASP A 79 -17.63 10.35 0.39
CA ASP A 79 -16.49 10.99 -0.26
C ASP A 79 -17.01 11.79 -1.45
N PRO A 80 -16.81 13.13 -1.50
CA PRO A 80 -17.37 13.94 -2.60
C PRO A 80 -16.76 13.65 -3.97
N SER A 81 -15.43 13.50 -4.01
CA SER A 81 -14.66 13.19 -5.21
C SER A 81 -15.06 11.84 -5.80
N PHE A 82 -15.79 10.98 -5.05
CA PHE A 82 -16.16 9.67 -5.55
C PHE A 82 -16.91 9.77 -6.88
N LEU A 83 -18.07 10.42 -6.90
CA LEU A 83 -18.90 10.29 -8.09
C LEU A 83 -18.26 11.03 -9.28
N GLY A 84 -17.37 12.00 -9.00
CA GLY A 84 -16.51 12.58 -10.01
C GLY A 84 -15.64 11.50 -10.64
N ARG A 85 -14.73 10.92 -9.85
CA ARG A 85 -13.80 9.88 -10.26
C ARG A 85 -14.52 8.73 -10.98
N TYR A 86 -15.72 8.37 -10.52
CA TYR A 86 -16.56 7.40 -11.19
C TYR A 86 -16.86 7.83 -12.63
N MET A 87 -17.48 9.00 -12.76
CA MET A 87 -17.89 9.48 -14.07
C MET A 87 -16.71 9.58 -15.02
N SER A 88 -15.55 10.03 -14.48
CA SER A 88 -14.28 10.14 -15.18
C SER A 88 -13.90 8.83 -15.82
N ALA A 89 -13.89 7.78 -14.99
CA ALA A 89 -13.52 6.45 -15.43
C ALA A 89 -14.57 5.88 -16.40
N LEU A 90 -15.86 6.12 -16.11
CA LEU A 90 -16.91 5.57 -16.95
C LEU A 90 -16.73 5.96 -18.42
N ASN A 91 -16.21 7.17 -18.60
CA ASN A 91 -16.16 7.77 -19.92
C ASN A 91 -15.17 6.99 -20.81
N HIS A 92 -14.17 6.35 -20.18
CA HIS A 92 -13.21 5.46 -20.83
C HIS A 92 -13.77 4.04 -20.95
N THR A 93 -14.27 3.47 -19.83
CA THR A 93 -14.58 2.05 -19.77
C THR A 93 -15.82 1.75 -20.60
N LYS A 94 -16.55 2.82 -20.93
CA LYS A 94 -17.70 2.78 -21.82
C LYS A 94 -17.19 2.37 -23.21
N LYS A 95 -15.93 2.72 -23.53
CA LYS A 95 -15.33 2.45 -24.83
C LYS A 95 -14.49 1.17 -24.89
N TRP A 96 -14.33 0.42 -23.78
CA TRP A 96 -13.70 -0.90 -23.86
C TRP A 96 -14.73 -1.92 -24.35
N LYS A 97 -14.25 -3.05 -24.89
CA LYS A 97 -15.20 -4.07 -25.33
C LYS A 97 -15.19 -5.24 -24.33
N TYR A 98 -16.33 -5.90 -24.15
CA TYR A 98 -16.44 -6.90 -23.09
C TYR A 98 -16.85 -8.27 -23.63
N PRO A 99 -15.95 -9.03 -24.30
CA PRO A 99 -16.33 -10.34 -24.84
C PRO A 99 -16.71 -11.31 -23.72
N GLN A 100 -17.73 -12.16 -23.97
CA GLN A 100 -17.91 -13.32 -23.13
C GLN A 100 -16.76 -14.24 -23.50
N VAL A 101 -16.10 -14.87 -22.55
CA VAL A 101 -15.20 -15.95 -22.92
C VAL A 101 -15.55 -17.21 -22.12
N ASN A 102 -15.87 -18.30 -22.83
CA ASN A 102 -16.35 -19.47 -22.11
C ASN A 102 -17.44 -19.04 -21.11
N GLY A 103 -18.32 -18.14 -21.53
CA GLY A 103 -19.47 -17.79 -20.73
C GLY A 103 -19.20 -16.73 -19.68
N LEU A 104 -17.98 -16.21 -19.56
CA LEU A 104 -17.72 -15.21 -18.54
C LEU A 104 -17.43 -13.86 -19.19
N THR A 105 -17.87 -12.78 -18.54
CA THR A 105 -17.55 -11.48 -19.13
C THR A 105 -16.09 -11.17 -18.84
N SER A 106 -15.31 -10.92 -19.89
CA SER A 106 -13.92 -10.48 -19.75
C SER A 106 -13.80 -9.08 -20.35
N ILE A 107 -12.57 -8.58 -20.56
CA ILE A 107 -12.37 -7.28 -21.18
C ILE A 107 -11.21 -7.37 -22.17
N LYS A 108 -11.44 -6.86 -23.40
CA LYS A 108 -10.36 -6.65 -24.36
C LYS A 108 -9.30 -5.73 -23.75
N TRP A 109 -8.03 -6.11 -23.77
CA TRP A 109 -7.01 -5.23 -23.20
C TRP A 109 -7.10 -3.80 -23.72
N ALA A 110 -6.99 -2.83 -22.77
CA ALA A 110 -6.75 -1.42 -22.99
C ALA A 110 -6.33 -0.78 -21.67
N ASP A 111 -5.37 0.13 -21.72
CA ASP A 111 -5.06 0.98 -20.59
C ASP A 111 -4.69 0.18 -19.34
N ASN A 112 -3.80 -0.80 -19.49
CA ASN A 112 -3.40 -1.65 -18.37
C ASN A 112 -4.58 -2.23 -17.59
N ASN A 113 -5.62 -2.70 -18.27
CA ASN A 113 -6.82 -3.08 -17.58
C ASN A 113 -6.75 -4.57 -17.22
N CYS A 114 -5.57 -5.17 -17.43
CA CYS A 114 -5.42 -6.60 -17.19
C CYS A 114 -5.86 -6.98 -15.77
N TYR A 115 -5.40 -6.24 -14.76
CA TYR A 115 -5.80 -6.50 -13.39
C TYR A 115 -7.32 -6.44 -13.23
N LEU A 116 -7.99 -5.49 -13.90
CA LEU A 116 -9.44 -5.39 -13.72
C LEU A 116 -10.12 -6.58 -14.39
N ALA A 117 -9.63 -7.00 -15.57
CA ALA A 117 -10.16 -8.19 -16.22
C ALA A 117 -10.09 -9.37 -15.24
N THR A 118 -8.91 -9.53 -14.62
CA THR A 118 -8.69 -10.71 -13.78
C THR A 118 -9.64 -10.62 -12.59
N ALA A 119 -9.69 -9.44 -11.97
CA ALA A 119 -10.67 -9.25 -10.92
C ALA A 119 -12.06 -9.68 -11.40
N LEU A 120 -12.53 -9.09 -12.49
CA LEU A 120 -13.89 -9.30 -12.98
C LEU A 120 -14.12 -10.79 -13.16
N LEU A 121 -13.13 -11.46 -13.77
CA LEU A 121 -13.30 -12.87 -14.08
C LEU A 121 -13.47 -13.70 -12.81
N THR A 122 -12.63 -13.42 -11.81
CA THR A 122 -12.71 -14.10 -10.54
C THR A 122 -14.06 -13.84 -9.86
N LEU A 123 -14.55 -12.59 -9.89
CA LEU A 123 -15.77 -12.33 -9.14
C LEU A 123 -16.94 -13.13 -9.68
N GLN A 124 -16.96 -13.44 -10.98
CA GLN A 124 -18.06 -14.21 -11.53
C GLN A 124 -17.91 -15.69 -11.15
N GLN A 125 -16.89 -16.00 -10.38
CA GLN A 125 -16.58 -17.40 -10.18
C GLN A 125 -16.63 -17.76 -8.71
N ILE A 126 -17.02 -16.81 -7.87
CA ILE A 126 -16.82 -16.81 -6.45
C ILE A 126 -18.14 -16.33 -5.85
N GLU A 127 -18.51 -16.79 -4.64
CA GLU A 127 -19.77 -16.35 -4.07
C GLU A 127 -19.55 -15.13 -3.20
N LEU A 128 -20.15 -13.98 -3.56
CA LEU A 128 -20.09 -12.74 -2.81
C LEU A 128 -21.50 -12.19 -2.81
N LYS A 129 -21.89 -11.40 -1.81
CA LYS A 129 -22.99 -10.44 -1.99
C LYS A 129 -22.38 -9.07 -1.67
N PHE A 130 -22.47 -8.14 -2.61
CA PHE A 130 -22.01 -6.81 -2.29
C PHE A 130 -23.07 -6.06 -1.49
N ASN A 131 -22.62 -5.19 -0.59
CA ASN A 131 -23.52 -4.39 0.23
C ASN A 131 -24.06 -3.23 -0.59
N PRO A 132 -23.23 -2.33 -1.20
CA PRO A 132 -23.78 -1.13 -1.82
C PRO A 132 -24.69 -1.58 -2.96
N PRO A 133 -25.93 -1.04 -3.07
CA PRO A 133 -26.78 -1.36 -4.22
C PRO A 133 -26.05 -1.13 -5.55
N ALA A 134 -25.27 -0.05 -5.68
CA ALA A 134 -24.58 0.29 -6.92
C ALA A 134 -23.73 -0.86 -7.42
N LEU A 135 -23.06 -1.58 -6.51
CA LEU A 135 -22.20 -2.69 -6.86
C LEU A 135 -23.06 -3.86 -7.30
N GLN A 136 -24.08 -4.19 -6.50
CA GLN A 136 -25.00 -5.25 -6.84
C GLN A 136 -25.58 -5.04 -8.23
N ASP A 137 -25.98 -3.80 -8.50
CA ASP A 137 -26.57 -3.45 -9.78
C ASP A 137 -25.55 -3.69 -10.88
N ALA A 138 -24.46 -2.93 -10.80
CA ALA A 138 -23.37 -2.90 -11.78
C ALA A 138 -22.92 -4.32 -12.06
N TYR A 139 -22.82 -5.10 -10.99
CA TYR A 139 -22.23 -6.41 -11.10
C TYR A 139 -23.19 -7.32 -11.86
N TYR A 140 -24.49 -7.19 -11.63
CA TYR A 140 -25.45 -7.97 -12.40
C TYR A 140 -25.27 -7.73 -13.90
N ARG A 141 -25.08 -6.46 -14.27
CA ARG A 141 -24.95 -6.05 -15.66
C ARG A 141 -23.67 -6.61 -16.22
N ALA A 142 -22.60 -6.50 -15.43
CA ALA A 142 -21.31 -7.07 -15.77
C ALA A 142 -21.48 -8.55 -16.09
N ARG A 143 -22.04 -9.31 -15.13
CA ARG A 143 -22.22 -10.74 -15.32
C ARG A 143 -22.96 -10.97 -16.63
N ALA A 144 -23.84 -10.01 -16.96
CA ALA A 144 -24.70 -10.14 -18.12
C ALA A 144 -23.98 -9.70 -19.38
N GLY A 145 -22.78 -9.12 -19.29
CA GLY A 145 -22.05 -8.83 -20.51
C GLY A 145 -21.64 -7.37 -20.63
N GLU A 146 -22.48 -6.45 -20.11
CA GLU A 146 -22.20 -5.02 -20.20
C GLU A 146 -21.58 -4.57 -18.87
N ALA A 147 -20.26 -4.42 -18.84
CA ALA A 147 -19.60 -4.30 -17.55
C ALA A 147 -18.87 -2.97 -17.42
N ALA A 148 -19.27 -1.94 -18.18
CA ALA A 148 -18.60 -0.65 -18.17
C ALA A 148 -18.78 0.05 -16.82
N ASN A 149 -19.97 -0.07 -16.23
CA ASN A 149 -20.25 0.58 -14.96
C ASN A 149 -19.50 -0.15 -13.86
N PHE A 150 -19.62 -1.47 -13.87
CA PHE A 150 -18.95 -2.21 -12.83
C PHE A 150 -17.48 -1.83 -12.76
N CYS A 151 -16.87 -1.71 -13.95
CA CYS A 151 -15.45 -1.41 -14.01
C CYS A 151 -15.16 0.00 -13.52
N ALA A 152 -16.00 0.94 -13.97
CA ALA A 152 -15.83 2.33 -13.56
C ALA A 152 -15.95 2.42 -12.04
N LEU A 153 -16.92 1.69 -11.45
CA LEU A 153 -17.12 1.74 -10.02
C LEU A 153 -15.89 1.21 -9.29
N ILE A 154 -15.42 0.02 -9.73
CA ILE A 154 -14.27 -0.60 -9.11
C ILE A 154 -13.10 0.38 -9.05
N LEU A 155 -12.95 1.16 -10.12
CA LEU A 155 -11.85 2.09 -10.12
C LEU A 155 -12.13 3.18 -9.09
N ALA A 156 -13.36 3.71 -9.08
CA ALA A 156 -13.62 4.77 -8.13
C ALA A 156 -13.42 4.26 -6.71
N TYR A 157 -13.89 3.04 -6.45
CA TYR A 157 -13.77 2.48 -5.11
C TYR A 157 -12.32 2.23 -4.68
N CYS A 158 -11.40 1.92 -5.59
CA CYS A 158 -10.05 1.61 -5.14
C CYS A 158 -9.23 2.87 -5.25
N ASN A 159 -9.87 3.91 -5.78
CA ASN A 159 -9.23 5.19 -5.93
C ASN A 159 -8.05 5.05 -6.90
N LYS A 160 -8.32 4.44 -8.07
CA LYS A 160 -7.35 4.41 -9.14
C LYS A 160 -8.01 5.03 -10.36
N THR A 161 -7.20 5.52 -11.31
CA THR A 161 -7.72 6.13 -12.53
C THR A 161 -7.42 5.19 -13.69
N VAL A 162 -8.18 5.29 -14.78
CA VAL A 162 -7.95 4.48 -15.97
C VAL A 162 -6.50 4.63 -16.39
N GLY A 163 -5.88 3.52 -16.80
CA GLY A 163 -4.49 3.62 -17.24
C GLY A 163 -3.48 3.37 -16.13
N GLU A 164 -3.83 3.61 -14.87
CA GLU A 164 -2.82 3.36 -13.84
C GLU A 164 -2.86 1.87 -13.49
N LEU A 165 -1.64 1.31 -13.41
CA LEU A 165 -1.33 -0.09 -13.11
C LEU A 165 -1.97 -0.49 -11.80
N GLY A 166 -2.43 -1.74 -11.72
CA GLY A 166 -3.19 -2.20 -10.57
C GLY A 166 -2.76 -3.58 -10.08
N ASP A 167 -3.09 -3.88 -8.81
CA ASP A 167 -2.73 -5.15 -8.21
C ASP A 167 -4.04 -5.89 -7.97
N VAL A 168 -4.10 -7.19 -8.32
CA VAL A 168 -5.38 -7.88 -8.23
C VAL A 168 -5.77 -8.12 -6.77
N ARG A 169 -4.80 -8.49 -5.93
CA ARG A 169 -5.02 -8.73 -4.52
C ARG A 169 -5.53 -7.45 -3.87
N GLU A 170 -4.84 -6.32 -4.10
CA GLU A 170 -5.25 -5.01 -3.62
C GLU A 170 -6.68 -4.72 -4.07
N THR A 171 -7.03 -5.11 -5.31
CA THR A 171 -8.35 -4.76 -5.80
C THR A 171 -9.42 -5.54 -5.04
N MET A 172 -9.28 -6.87 -5.01
CA MET A 172 -10.21 -7.73 -4.32
C MET A 172 -10.35 -7.24 -2.89
N SER A 173 -9.20 -6.89 -2.33
CA SER A 173 -9.19 -6.53 -0.93
C SER A 173 -10.17 -5.40 -0.66
N TYR A 174 -10.04 -4.29 -1.41
CA TYR A 174 -10.94 -3.16 -1.33
C TYR A 174 -12.39 -3.57 -1.52
N LEU A 175 -12.63 -4.44 -2.49
CA LEU A 175 -13.97 -4.82 -2.91
C LEU A 175 -14.64 -5.64 -1.81
N PHE A 176 -13.83 -6.46 -1.12
CA PHE A 176 -14.34 -7.30 -0.06
C PHE A 176 -14.73 -6.43 1.13
N GLN A 177 -14.07 -5.29 1.33
CA GLN A 177 -14.50 -4.29 2.28
C GLN A 177 -16.01 -4.06 2.11
N HIS A 178 -16.53 -4.33 0.91
CA HIS A 178 -17.89 -3.91 0.58
C HIS A 178 -18.83 -5.08 0.32
N ALA A 179 -18.43 -6.26 0.75
CA ALA A 179 -19.33 -7.39 0.68
C ALA A 179 -19.69 -7.86 2.09
N ASN A 180 -20.63 -8.80 2.11
CA ASN A 180 -21.13 -9.35 3.34
C ASN A 180 -20.36 -10.62 3.67
N LEU A 181 -19.22 -10.47 4.34
CA LEU A 181 -18.42 -11.65 4.67
C LEU A 181 -18.41 -11.91 6.16
N ASP A 182 -19.44 -11.50 6.91
CA ASP A 182 -19.21 -11.32 8.34
C ASP A 182 -19.32 -12.67 9.04
N SER A 183 -20.23 -13.50 8.53
CA SER A 183 -20.33 -14.90 8.92
C SER A 183 -19.23 -15.72 8.24
N CYS A 184 -18.06 -15.13 8.05
CA CYS A 184 -16.90 -15.87 7.57
C CYS A 184 -15.89 -15.93 8.70
N LYS A 185 -15.38 -17.13 8.97
CA LYS A 185 -14.61 -17.37 10.18
C LYS A 185 -13.42 -18.28 9.84
N ARG A 186 -12.27 -17.97 10.47
CA ARG A 186 -11.07 -18.77 10.32
C ARG A 186 -10.40 -18.90 11.66
N VAL A 187 -9.93 -20.11 11.94
CA VAL A 187 -9.28 -20.34 13.21
C VAL A 187 -7.93 -20.97 12.89
N LEU A 188 -6.87 -20.35 13.42
CA LEU A 188 -5.49 -20.74 13.13
C LEU A 188 -4.82 -21.18 14.43
N ASN A 189 -3.92 -22.13 14.32
CA ASN A 189 -3.08 -22.41 15.47
C ASN A 189 -1.62 -22.20 15.06
N VAL A 190 -0.83 -21.58 15.95
CA VAL A 190 0.61 -21.45 15.75
C VAL A 190 1.31 -22.23 16.87
N VAL A 191 2.04 -23.31 16.53
CA VAL A 191 2.79 -24.12 17.48
C VAL A 191 4.28 -23.76 17.43
N CYS A 192 4.84 -23.23 18.53
CA CYS A 192 6.26 -22.96 18.75
C CYS A 192 6.84 -24.04 19.67
N LYS A 193 8.03 -24.58 19.35
CA LYS A 193 8.71 -25.56 20.20
C LYS A 193 8.91 -25.06 21.64
N THR A 194 9.49 -23.88 21.86
CA THR A 194 9.63 -23.37 23.22
C THR A 194 8.37 -22.64 23.73
N CYS A 195 7.67 -21.85 22.89
CA CYS A 195 6.59 -21.03 23.43
C CYS A 195 5.26 -21.78 23.46
N GLY A 196 5.20 -23.02 22.95
CA GLY A 196 3.95 -23.76 22.85
C GLY A 196 2.97 -23.16 21.84
N GLN A 197 1.68 -23.44 22.03
CA GLN A 197 0.64 -23.11 21.05
C GLN A 197 0.05 -21.74 21.29
N GLN A 198 -0.65 -21.24 20.27
CA GLN A 198 -1.28 -19.93 20.30
C GLN A 198 -2.35 -19.90 19.20
N GLN A 199 -3.62 -19.92 19.62
CA GLN A 199 -4.71 -20.05 18.67
C GLN A 199 -5.23 -18.67 18.34
N THR A 200 -5.81 -18.48 17.16
CA THR A 200 -6.30 -17.18 16.71
C THR A 200 -7.58 -17.36 15.88
N THR A 201 -8.60 -16.56 16.20
CA THR A 201 -9.82 -16.52 15.42
C THR A 201 -9.86 -15.23 14.61
N LEU A 202 -10.18 -15.35 13.30
CA LEU A 202 -10.35 -14.24 12.38
C LEU A 202 -11.76 -14.25 11.80
N LYS A 203 -12.44 -13.11 11.86
CA LYS A 203 -13.75 -13.00 11.27
C LYS A 203 -13.63 -12.05 10.08
N GLY A 204 -14.58 -12.12 9.14
CA GLY A 204 -14.72 -11.09 8.12
C GLY A 204 -13.68 -11.21 7.01
N VAL A 205 -13.17 -10.06 6.52
CA VAL A 205 -12.31 -10.06 5.34
C VAL A 205 -11.04 -10.86 5.61
N GLU A 206 -10.48 -10.75 6.82
CA GLU A 206 -9.19 -11.36 7.10
C GLU A 206 -9.32 -12.89 7.23
N ALA A 207 -10.57 -13.38 7.33
CA ALA A 207 -10.86 -14.81 7.42
C ALA A 207 -10.71 -15.49 6.06
N VAL A 208 -10.67 -14.72 4.95
CA VAL A 208 -10.71 -15.34 3.64
C VAL A 208 -9.41 -15.10 2.88
N MET A 209 -8.51 -14.28 3.42
CA MET A 209 -7.34 -13.88 2.68
C MET A 209 -6.10 -14.27 3.45
N TYR A 210 -5.19 -15.00 2.82
CA TYR A 210 -3.86 -15.19 3.36
C TYR A 210 -2.83 -14.70 2.34
N MET A 211 -1.69 -14.23 2.85
CA MET A 211 -0.63 -13.72 2.00
C MET A 211 0.66 -14.37 2.48
N GLY A 212 1.24 -15.23 1.66
CA GLY A 212 2.47 -15.91 2.01
C GLY A 212 2.60 -17.31 1.41
N THR A 213 1.47 -17.97 1.12
CA THR A 213 1.54 -19.24 0.39
C THR A 213 0.33 -19.39 -0.52
N LEU A 214 0.51 -20.10 -1.64
CA LEU A 214 -0.54 -20.24 -2.63
C LEU A 214 -1.34 -21.49 -2.32
N SER A 215 -0.75 -22.50 -1.66
CA SER A 215 -1.37 -23.81 -1.54
C SER A 215 -2.27 -23.88 -0.31
N TYR A 216 -3.55 -24.19 -0.53
CA TYR A 216 -4.49 -24.33 0.54
C TYR A 216 -4.15 -25.59 1.36
N GLU A 217 -3.89 -26.70 0.65
CA GLU A 217 -3.35 -27.90 1.23
C GLU A 217 -2.18 -27.61 2.18
N GLN A 218 -1.23 -26.79 1.72
CA GLN A 218 -0.05 -26.49 2.52
C GLN A 218 -0.44 -25.75 3.79
N PHE A 219 -1.56 -25.02 3.75
CA PHE A 219 -1.95 -24.19 4.87
C PHE A 219 -2.65 -25.08 5.90
N LYS A 220 -3.25 -26.17 5.42
CA LYS A 220 -3.93 -27.11 6.29
C LYS A 220 -2.88 -28.05 6.88
N LYS A 221 -1.82 -28.33 6.11
CA LYS A 221 -0.77 -29.22 6.57
C LYS A 221 0.14 -28.47 7.53
N GLY A 222 0.27 -27.15 7.35
CA GLY A 222 1.11 -26.33 8.21
C GLY A 222 2.28 -25.74 7.43
N VAL A 223 2.74 -24.58 7.87
CA VAL A 223 3.50 -23.66 7.03
C VAL A 223 4.47 -22.98 7.99
N GLN A 224 5.78 -22.99 7.69
CA GLN A 224 6.77 -22.52 8.66
C GLN A 224 6.71 -21.01 8.83
N ILE A 225 6.60 -20.51 10.02
CA ILE A 225 6.66 -19.08 10.12
C ILE A 225 7.57 -18.74 11.30
N PRO A 226 8.23 -17.57 11.27
CA PRO A 226 8.94 -17.08 12.45
C PRO A 226 7.97 -16.75 13.58
N CYS A 227 8.26 -17.30 14.75
CA CYS A 227 7.50 -17.04 15.95
C CYS A 227 7.82 -15.61 16.35
N THR A 228 7.04 -15.03 17.28
CA THR A 228 7.22 -13.67 17.78
C THR A 228 8.47 -13.51 18.69
N CYS A 229 8.93 -14.62 19.29
CA CYS A 229 10.22 -14.72 19.96
C CYS A 229 11.37 -14.78 18.94
N GLY A 230 11.01 -14.80 17.66
CA GLY A 230 11.99 -14.83 16.59
C GLY A 230 12.12 -16.19 15.90
N LYS A 231 11.79 -17.29 16.61
CA LYS A 231 12.27 -18.63 16.29
C LYS A 231 11.24 -19.42 15.46
N GLN A 232 11.35 -20.76 15.43
CA GLN A 232 10.85 -21.54 14.29
C GLN A 232 9.47 -22.10 14.62
N ALA A 233 8.41 -21.70 13.91
CA ALA A 233 7.08 -22.14 14.33
C ALA A 233 6.31 -22.75 13.16
N THR A 234 5.10 -23.27 13.42
CA THR A 234 4.23 -23.79 12.37
C THR A 234 2.82 -23.23 12.53
N LYS A 235 2.37 -22.55 11.50
CA LYS A 235 1.00 -22.06 11.43
C LYS A 235 0.19 -23.08 10.66
N TYR A 236 -1.01 -23.45 11.16
CA TYR A 236 -1.92 -24.28 10.39
C TYR A 236 -3.39 -23.88 10.61
N LEU A 237 -4.23 -24.30 9.66
CA LEU A 237 -5.61 -23.87 9.62
C LEU A 237 -6.43 -24.90 10.40
N VAL A 238 -6.96 -24.49 11.55
CA VAL A 238 -7.74 -25.41 12.36
C VAL A 238 -9.19 -25.47 11.91
N GLN A 239 -9.78 -24.32 11.55
CA GLN A 239 -11.13 -24.36 11.04
C GLN A 239 -11.39 -23.23 10.04
N GLN A 240 -12.22 -23.50 9.02
CA GLN A 240 -12.57 -22.52 8.01
C GLN A 240 -14.06 -22.62 7.68
N GLU A 241 -14.74 -21.47 7.76
CA GLU A 241 -16.12 -21.36 7.37
C GLU A 241 -16.23 -20.14 6.47
N SER A 242 -16.29 -20.38 5.16
CA SER A 242 -16.53 -19.36 4.14
C SER A 242 -16.90 -20.06 2.83
N PRO A 243 -17.51 -19.31 1.87
CA PRO A 243 -17.84 -19.88 0.58
C PRO A 243 -16.64 -20.01 -0.36
N PHE A 244 -15.52 -19.33 -0.07
CA PHE A 244 -14.25 -19.49 -0.77
C PHE A 244 -13.08 -19.04 0.11
N VAL A 245 -11.84 -19.33 -0.32
CA VAL A 245 -10.67 -18.71 0.29
C VAL A 245 -9.80 -18.17 -0.85
N MET A 246 -8.94 -17.18 -0.53
CA MET A 246 -8.01 -16.58 -1.47
C MET A 246 -6.60 -16.61 -0.91
N MET A 247 -5.74 -17.47 -1.49
CA MET A 247 -4.37 -17.59 -1.07
C MET A 247 -3.44 -16.81 -2.00
N SER A 248 -2.55 -15.97 -1.45
CA SER A 248 -1.68 -15.10 -2.25
C SER A 248 -0.23 -15.26 -1.85
N ALA A 249 0.69 -14.88 -2.74
CA ALA A 249 2.10 -14.71 -2.44
C ALA A 249 2.72 -13.79 -3.49
N PRO A 250 3.95 -13.27 -3.25
CA PRO A 250 4.70 -12.63 -4.35
C PRO A 250 4.71 -13.63 -5.49
N PRO A 251 4.69 -13.21 -6.77
CA PRO A 251 4.60 -14.16 -7.90
C PRO A 251 5.78 -15.13 -7.94
N ALA A 252 5.50 -16.41 -8.19
CA ALA A 252 6.56 -17.39 -8.30
C ALA A 252 6.06 -18.54 -9.18
N GLN A 253 6.99 -19.25 -9.80
CA GLN A 253 6.62 -20.31 -10.72
C GLN A 253 5.89 -21.33 -9.85
N TYR A 254 4.69 -21.74 -10.28
CA TYR A 254 3.79 -22.57 -9.47
C TYR A 254 3.00 -23.47 -10.42
N GLU A 255 2.69 -24.68 -9.97
CA GLU A 255 1.96 -25.57 -10.86
C GLU A 255 0.49 -25.64 -10.44
N LEU A 256 -0.41 -25.28 -11.35
CA LEU A 256 -1.82 -25.47 -11.06
C LEU A 256 -2.26 -26.82 -11.61
N LYS A 257 -2.90 -27.65 -10.78
CA LYS A 257 -3.38 -28.93 -11.26
C LYS A 257 -4.90 -28.85 -11.38
N HIS A 258 -5.43 -29.55 -12.38
CA HIS A 258 -6.86 -29.51 -12.61
C HIS A 258 -7.60 -29.92 -11.36
N GLY A 259 -8.70 -29.22 -11.09
CA GLY A 259 -9.73 -29.69 -10.18
C GLY A 259 -9.49 -29.27 -8.74
N THR A 260 -8.34 -28.65 -8.46
CA THR A 260 -7.77 -28.53 -7.12
C THR A 260 -7.82 -27.08 -6.66
N PHE A 261 -8.29 -26.19 -7.52
CA PHE A 261 -8.47 -24.78 -7.19
C PHE A 261 -9.63 -24.36 -8.06
N THR A 262 -10.11 -23.13 -7.91
CA THR A 262 -11.21 -22.74 -8.75
C THR A 262 -10.66 -21.89 -9.88
N CYS A 263 -9.87 -20.86 -9.52
CA CYS A 263 -9.26 -19.98 -10.50
C CYS A 263 -8.07 -19.28 -9.85
N ALA A 264 -7.25 -18.59 -10.63
CA ALA A 264 -5.98 -18.08 -10.13
C ALA A 264 -5.53 -16.91 -10.98
N SER A 265 -4.72 -15.99 -10.44
CA SER A 265 -4.16 -14.94 -11.29
C SER A 265 -2.64 -15.01 -11.41
N GLU A 266 -2.13 -15.03 -12.66
CA GLU A 266 -0.68 -15.05 -12.84
C GLU A 266 -0.18 -13.68 -13.28
N TYR A 267 1.08 -13.41 -13.00
CA TYR A 267 1.56 -12.07 -13.27
C TYR A 267 3.00 -12.20 -13.71
N THR A 268 3.19 -11.83 -14.97
CA THR A 268 4.49 -11.98 -15.57
C THR A 268 5.01 -10.60 -15.89
N GLY A 269 6.31 -10.39 -15.70
CA GLY A 269 6.75 -9.02 -15.88
C GLY A 269 7.55 -8.63 -14.67
N ASN A 270 7.61 -7.32 -14.40
CA ASN A 270 8.31 -6.77 -13.25
C ASN A 270 7.49 -5.58 -12.76
N TYR A 271 8.13 -4.73 -11.95
CA TYR A 271 7.36 -3.74 -11.22
C TYR A 271 6.82 -2.68 -12.18
N GLN A 272 7.66 -2.25 -13.12
CA GLN A 272 7.25 -1.15 -13.97
C GLN A 272 6.41 -1.68 -15.13
N CYS A 273 6.73 -2.88 -15.63
CA CYS A 273 5.97 -3.40 -16.77
C CYS A 273 5.65 -4.87 -16.54
N GLY A 274 4.36 -5.22 -16.64
CA GLY A 274 4.02 -6.61 -16.38
C GLY A 274 2.59 -6.90 -16.83
N HIS A 275 2.14 -8.13 -16.63
CA HIS A 275 0.87 -8.50 -17.22
C HIS A 275 0.22 -9.67 -16.48
N TYR A 276 -1.04 -9.42 -16.14
CA TYR A 276 -1.85 -10.37 -15.43
C TYR A 276 -2.60 -11.22 -16.44
N LYS A 277 -2.67 -12.53 -16.18
CA LYS A 277 -3.61 -13.39 -16.89
C LYS A 277 -4.37 -14.16 -15.84
N HIS A 278 -5.54 -14.69 -16.26
CA HIS A 278 -6.42 -15.46 -15.40
C HIS A 278 -6.42 -16.93 -15.73
N ILE A 279 -6.26 -17.80 -14.73
CA ILE A 279 -6.38 -19.22 -15.05
C ILE A 279 -7.53 -19.83 -14.29
N THR A 280 -8.28 -20.72 -14.96
CA THR A 280 -9.47 -21.28 -14.34
C THR A 280 -9.57 -22.76 -14.68
N SER A 281 -9.86 -23.61 -13.67
CA SER A 281 -9.80 -25.05 -13.86
C SER A 281 -11.20 -25.53 -14.19
N LYS A 282 -11.43 -26.02 -15.40
CA LYS A 282 -12.74 -26.54 -15.76
C LYS A 282 -12.61 -27.98 -16.27
N GLU A 283 -13.17 -28.27 -17.45
CA GLU A 283 -12.93 -29.60 -18.00
C GLU A 283 -11.49 -29.69 -18.51
N THR A 284 -10.87 -28.52 -18.68
CA THR A 284 -9.43 -28.42 -18.81
C THR A 284 -8.98 -27.12 -18.18
N LEU A 285 -7.68 -26.80 -18.20
CA LEU A 285 -7.27 -25.51 -17.66
C LEU A 285 -7.43 -24.46 -18.76
N TYR A 286 -8.16 -23.37 -18.48
CA TYR A 286 -8.35 -22.28 -19.44
C TYR A 286 -7.59 -21.05 -18.96
N CYS A 287 -6.75 -20.54 -19.84
CA CYS A 287 -6.09 -19.27 -19.60
C CYS A 287 -6.91 -18.23 -20.35
N ILE A 288 -7.38 -17.22 -19.61
CA ILE A 288 -8.13 -16.14 -20.23
C ILE A 288 -7.32 -14.87 -20.04
N ASP A 289 -6.93 -14.25 -21.17
CA ASP A 289 -6.00 -13.14 -21.16
C ASP A 289 -6.66 -11.99 -21.91
N GLY A 290 -7.49 -11.26 -21.17
CA GLY A 290 -8.45 -10.34 -21.74
C GLY A 290 -9.36 -11.06 -22.74
N ALA A 291 -9.18 -10.75 -24.03
CA ALA A 291 -10.11 -11.23 -25.02
C ALA A 291 -9.62 -12.55 -25.60
N LEU A 292 -8.44 -12.99 -25.15
CA LEU A 292 -7.77 -14.14 -25.69
C LEU A 292 -8.04 -15.32 -24.80
N LEU A 293 -8.15 -16.52 -25.38
CA LEU A 293 -8.41 -17.75 -24.64
C LEU A 293 -7.59 -18.91 -25.16
N THR A 294 -6.89 -19.60 -24.25
CA THR A 294 -6.14 -20.80 -24.61
C THR A 294 -6.33 -21.87 -23.55
N LYS A 295 -6.18 -23.13 -23.91
CA LYS A 295 -6.55 -24.21 -23.04
C LYS A 295 -5.42 -25.21 -23.03
N SER A 296 -5.00 -25.66 -21.85
CA SER A 296 -4.03 -26.74 -21.84
C SER A 296 -4.28 -27.67 -20.67
N SER A 297 -3.63 -28.83 -20.70
CA SER A 297 -3.82 -29.78 -19.63
C SER A 297 -2.78 -29.53 -18.55
N GLU A 298 -1.60 -29.03 -18.89
CA GLU A 298 -0.65 -28.65 -17.86
C GLU A 298 -0.73 -27.15 -17.72
N TYR A 299 -0.29 -26.68 -16.53
CA TYR A 299 0.01 -25.28 -16.36
C TYR A 299 1.03 -25.07 -15.25
N LYS A 300 2.19 -24.47 -15.60
CA LYS A 300 3.17 -23.96 -14.64
C LYS A 300 3.44 -22.51 -15.04
N GLY A 301 3.73 -21.60 -14.11
CA GLY A 301 3.73 -20.19 -14.47
C GLY A 301 3.73 -19.32 -13.22
N PRO A 302 4.13 -18.03 -13.29
CA PRO A 302 4.24 -17.18 -12.11
C PRO A 302 2.89 -16.75 -11.53
N ILE A 303 2.45 -17.49 -10.52
CA ILE A 303 1.14 -17.23 -9.96
C ILE A 303 1.30 -16.34 -8.74
N THR A 304 0.24 -15.55 -8.52
CA THR A 304 0.26 -14.59 -7.45
C THR A 304 -0.93 -14.79 -6.51
N ASP A 305 -2.09 -15.20 -7.05
CA ASP A 305 -3.29 -15.43 -6.25
C ASP A 305 -3.97 -16.69 -6.73
N VAL A 306 -4.40 -17.54 -5.78
CA VAL A 306 -5.24 -18.67 -6.10
C VAL A 306 -6.50 -18.63 -5.23
N PHE A 307 -7.65 -18.94 -5.83
CA PHE A 307 -8.92 -18.99 -5.15
C PHE A 307 -9.43 -20.42 -5.13
N TYR A 308 -9.93 -20.83 -3.95
CA TYR A 308 -10.52 -22.14 -3.69
C TYR A 308 -11.94 -21.97 -3.17
N LYS A 309 -12.82 -22.87 -3.61
CA LYS A 309 -14.18 -23.01 -3.13
C LYS A 309 -14.09 -23.67 -1.77
N GLU A 310 -14.77 -23.08 -0.79
CA GLU A 310 -14.85 -23.65 0.53
C GLU A 310 -16.31 -23.70 0.98
N ASN A 311 -16.53 -24.50 2.01
CA ASN A 311 -17.83 -24.55 2.64
C ASN A 311 -17.67 -24.34 4.13
N SER A 312 -17.31 -25.45 4.76
CA SER A 312 -16.80 -25.49 6.11
C SER A 312 -15.72 -26.56 6.17
N TYR A 313 -14.59 -26.23 6.78
CA TYR A 313 -13.55 -27.21 6.96
C TYR A 313 -13.17 -27.24 8.44
N THR A 314 -13.06 -28.43 9.04
CA THR A 314 -12.29 -28.45 10.25
C THR A 314 -11.14 -29.45 10.16
N THR A 315 -10.00 -29.09 10.79
CA THR A 315 -8.79 -29.89 10.83
C THR A 315 -9.01 -31.17 11.61
N THR A 316 -8.07 -32.09 11.43
CA THR A 316 -8.05 -33.33 12.19
C THR A 316 -6.67 -33.50 12.81
N ILE A 317 -5.94 -32.40 12.95
CA ILE A 317 -4.64 -32.42 13.61
C ILE A 317 -4.86 -32.47 15.13
N LYS A 318 -4.23 -33.46 15.81
CA LYS A 318 -4.59 -33.67 17.22
C LYS A 318 -4.02 -32.48 18.02
N ARG B 6 42.08 -29.33 3.29
CA ARG B 6 40.61 -29.48 3.42
C ARG B 6 39.99 -28.14 3.85
N THR B 7 40.52 -27.43 4.88
CA THR B 7 39.70 -26.39 5.52
C THR B 7 40.42 -25.09 5.98
N ILE B 8 39.61 -24.04 6.21
CA ILE B 8 39.95 -22.78 6.89
C ILE B 8 38.93 -22.50 7.99
N LYS B 9 39.26 -21.56 8.91
CA LYS B 9 38.37 -21.15 9.98
C LYS B 9 37.95 -19.70 9.77
N VAL B 10 36.64 -19.42 9.93
CA VAL B 10 36.08 -18.08 9.80
C VAL B 10 35.09 -17.80 10.94
N PHE B 11 34.43 -16.66 10.85
CA PHE B 11 33.30 -16.38 11.73
C PHE B 11 32.07 -16.12 10.88
N THR B 12 30.89 -16.60 11.31
CA THR B 12 29.62 -16.13 10.78
C THR B 12 28.91 -15.19 11.74
N THR B 13 28.15 -14.25 11.16
CA THR B 13 27.38 -13.30 11.94
C THR B 13 26.08 -12.94 11.22
N VAL B 14 25.11 -12.39 11.96
CA VAL B 14 23.94 -11.75 11.34
C VAL B 14 23.84 -10.26 11.72
N ASP B 15 24.67 -9.84 12.70
CA ASP B 15 24.55 -8.50 13.23
C ASP B 15 25.93 -7.85 13.30
N ASN B 16 26.98 -8.67 13.22
CA ASN B 16 28.34 -8.17 13.35
C ASN B 16 28.67 -7.70 14.78
N ILE B 17 27.78 -8.01 15.73
CA ILE B 17 27.94 -7.85 17.16
C ILE B 17 28.44 -9.20 17.70
N ASN B 18 27.92 -10.28 17.12
CA ASN B 18 27.91 -11.58 17.75
C ASN B 18 28.40 -12.58 16.73
N LEU B 19 29.56 -13.15 17.05
CA LEU B 19 30.31 -13.85 16.03
C LEU B 19 30.35 -15.33 16.36
N HIS B 20 30.10 -16.18 15.36
CA HIS B 20 30.09 -17.61 15.54
C HIS B 20 31.21 -18.26 14.74
N THR B 21 31.98 -19.12 15.39
CA THR B 21 33.15 -19.63 14.73
C THR B 21 32.73 -20.82 13.87
N GLN B 22 33.27 -20.89 12.64
CA GLN B 22 33.01 -21.98 11.71
C GLN B 22 34.30 -22.57 11.14
N VAL B 23 34.43 -23.91 11.16
CA VAL B 23 35.44 -24.59 10.36
C VAL B 23 34.81 -24.84 9.00
N VAL B 24 35.57 -24.63 7.93
CA VAL B 24 34.97 -24.46 6.61
C VAL B 24 35.68 -25.31 5.57
N ASP B 25 34.90 -26.20 4.91
CA ASP B 25 35.39 -27.22 3.97
C ASP B 25 35.57 -26.62 2.57
N MET B 26 36.84 -26.43 2.17
CA MET B 26 37.20 -25.46 1.15
C MET B 26 36.76 -25.90 -0.24
N SER B 27 36.52 -27.20 -0.41
CA SER B 27 36.19 -27.75 -1.72
C SER B 27 34.84 -27.21 -2.21
N MET B 28 33.89 -27.03 -1.28
CA MET B 28 32.51 -26.66 -1.61
C MET B 28 32.25 -25.16 -1.36
N THR B 29 31.11 -24.72 -1.90
CA THR B 29 30.77 -23.31 -1.81
C THR B 29 30.28 -23.00 -0.40
N TYR B 30 30.45 -21.72 -0.08
CA TYR B 30 29.88 -21.07 1.08
C TYR B 30 28.40 -21.40 1.21
N GLY B 31 27.64 -21.21 0.13
CA GLY B 31 26.21 -21.51 0.06
C GLY B 31 25.93 -22.99 0.36
N GLN B 32 26.75 -23.88 -0.25
CA GLN B 32 26.64 -25.31 0.01
C GLN B 32 26.76 -25.55 1.52
N GLN B 33 27.61 -24.78 2.22
CA GLN B 33 27.88 -24.96 3.64
C GLN B 33 26.94 -24.11 4.52
N PHE B 34 26.58 -22.87 4.13
CA PHE B 34 26.03 -21.94 5.11
C PHE B 34 24.68 -21.37 4.73
N GLY B 35 24.15 -21.85 3.59
CA GLY B 35 23.22 -21.07 2.78
C GLY B 35 23.88 -19.74 2.36
N PRO B 36 23.09 -18.76 1.88
CA PRO B 36 23.65 -17.52 1.37
C PRO B 36 24.65 -16.89 2.34
N THR B 37 25.71 -16.30 1.79
CA THR B 37 26.78 -15.73 2.58
C THR B 37 27.20 -14.40 1.96
N TYR B 38 27.93 -13.56 2.70
CA TYR B 38 28.29 -12.25 2.20
C TYR B 38 29.57 -11.79 2.88
N LEU B 39 30.67 -11.81 2.11
CA LEU B 39 31.92 -11.27 2.60
C LEU B 39 32.00 -9.79 2.28
N ASP B 40 31.94 -9.04 3.36
CA ASP B 40 32.06 -7.60 3.30
C ASP B 40 30.97 -7.03 2.39
N GLY B 41 29.84 -7.74 2.32
CA GLY B 41 28.61 -7.22 1.75
C GLY B 41 28.50 -7.53 0.26
N ALA B 42 29.48 -8.30 -0.23
CA ALA B 42 29.52 -8.80 -1.58
C ALA B 42 29.05 -10.24 -1.52
N ASP B 43 28.07 -10.59 -2.38
CA ASP B 43 27.41 -11.88 -2.28
C ASP B 43 28.37 -13.02 -2.59
N VAL B 44 28.71 -13.87 -1.60
CA VAL B 44 29.69 -14.91 -1.89
C VAL B 44 29.08 -16.31 -1.87
N THR B 45 27.74 -16.36 -1.95
CA THR B 45 27.03 -17.61 -1.74
C THR B 45 27.59 -18.69 -2.66
N LYS B 46 27.79 -18.33 -3.93
CA LYS B 46 28.02 -19.28 -5.00
C LYS B 46 29.53 -19.41 -5.27
N ILE B 47 30.39 -19.32 -4.24
CA ILE B 47 31.84 -19.41 -4.44
C ILE B 47 32.46 -20.35 -3.40
N LYS B 48 33.56 -21.02 -3.79
CA LYS B 48 34.32 -21.88 -2.88
C LYS B 48 35.36 -21.02 -2.14
N PRO B 49 35.71 -21.32 -0.85
CA PRO B 49 36.51 -20.43 -0.02
C PRO B 49 37.96 -20.27 -0.44
N HIS B 50 38.45 -19.03 -0.41
CA HIS B 50 39.80 -18.74 -0.87
C HIS B 50 40.75 -18.76 0.32
N ASN B 51 41.97 -18.30 0.08
CA ASN B 51 43.13 -18.37 0.98
C ASN B 51 43.00 -17.37 2.13
N SER B 52 42.96 -16.07 1.79
CA SER B 52 42.87 -14.98 2.74
C SER B 52 41.41 -14.80 3.18
N HIS B 53 40.72 -15.94 3.33
CA HIS B 53 39.40 -15.96 3.93
C HIS B 53 39.50 -16.29 5.41
N GLU B 54 40.34 -17.27 5.75
CA GLU B 54 40.63 -17.68 7.12
C GLU B 54 40.64 -16.45 8.02
N GLY B 55 39.64 -16.35 8.89
CA GLY B 55 39.62 -15.34 9.93
C GLY B 55 38.56 -14.27 9.77
N LYS B 56 38.05 -14.09 8.55
CA LYS B 56 37.20 -12.96 8.21
C LYS B 56 35.78 -13.25 8.69
N THR B 57 34.92 -12.23 8.63
CA THR B 57 33.56 -12.33 9.14
C THR B 57 32.56 -12.29 7.98
N PHE B 58 31.78 -13.37 7.86
CA PHE B 58 30.81 -13.46 6.80
C PHE B 58 29.43 -13.36 7.40
N TYR B 59 28.59 -12.51 6.81
CA TYR B 59 27.19 -12.49 7.14
C TYR B 59 26.50 -13.62 6.40
N VAL B 60 25.50 -14.24 7.07
CA VAL B 60 24.73 -15.36 6.52
C VAL B 60 23.28 -15.12 6.91
N LEU B 61 22.34 -15.82 6.28
CA LEU B 61 20.95 -15.63 6.69
C LEU B 61 20.71 -16.42 7.97
N PRO B 62 19.88 -15.86 8.90
CA PRO B 62 19.67 -16.52 10.19
C PRO B 62 18.83 -17.76 9.93
N ASN B 63 19.45 -18.92 10.10
CA ASN B 63 18.79 -20.15 9.69
C ASN B 63 18.91 -21.22 10.78
N ASP B 64 19.42 -20.83 11.96
CA ASP B 64 19.18 -21.64 13.13
C ASP B 64 18.45 -20.79 14.16
N ASP B 65 17.86 -21.45 15.17
N ASP B 65 17.86 -21.43 15.18
CA ASP B 65 17.09 -20.76 16.19
CA ASP B 65 17.07 -20.67 16.14
C ASP B 65 17.96 -19.68 16.85
C ASP B 65 17.97 -19.64 16.84
N THR B 66 19.25 -19.97 17.07
CA THR B 66 20.12 -19.06 17.80
C THR B 66 20.40 -17.77 17.01
N LEU B 67 20.50 -17.87 15.68
CA LEU B 67 20.75 -16.73 14.82
C LEU B 67 19.48 -15.88 14.68
N ARG B 68 18.34 -16.57 14.58
CA ARG B 68 17.07 -15.93 14.30
C ARG B 68 16.74 -14.94 15.39
N VAL B 69 17.20 -15.28 16.60
CA VAL B 69 17.04 -14.47 17.82
C VAL B 69 17.91 -13.22 17.70
N GLU B 70 19.20 -13.40 17.41
CA GLU B 70 20.13 -12.29 17.53
C GLU B 70 19.78 -11.25 16.48
N ALA B 71 19.29 -11.79 15.36
CA ALA B 71 18.87 -11.01 14.22
C ALA B 71 17.61 -10.25 14.60
N PHE B 72 16.67 -10.94 15.22
CA PHE B 72 15.46 -10.26 15.64
C PHE B 72 15.76 -9.18 16.70
N GLU B 73 16.66 -9.45 17.64
CA GLU B 73 17.00 -8.51 18.70
C GLU B 73 17.62 -7.24 18.12
N TYR B 74 18.32 -7.39 17.00
CA TYR B 74 19.12 -6.33 16.44
C TYR B 74 18.35 -5.51 15.40
N TYR B 75 17.61 -6.21 14.53
CA TYR B 75 16.85 -5.53 13.47
C TYR B 75 15.42 -5.25 13.90
N HIS B 76 14.90 -6.03 14.85
CA HIS B 76 13.50 -5.99 15.28
C HIS B 76 12.60 -6.39 14.13
N THR B 77 13.07 -7.36 13.30
CA THR B 77 12.28 -7.95 12.23
C THR B 77 12.48 -9.47 12.26
N THR B 78 11.38 -10.15 11.99
CA THR B 78 11.36 -11.59 12.05
C THR B 78 11.32 -12.19 10.65
N ASP B 79 11.61 -11.36 9.65
CA ASP B 79 11.57 -11.71 8.25
C ASP B 79 12.93 -12.27 7.85
N PRO B 80 13.02 -13.52 7.31
CA PRO B 80 14.33 -14.10 6.92
C PRO B 80 15.05 -13.39 5.77
N SER B 81 14.27 -13.05 4.73
CA SER B 81 14.70 -12.32 3.55
C SER B 81 15.26 -10.92 3.89
N PHE B 82 15.00 -10.42 5.12
CA PHE B 82 15.52 -9.12 5.51
C PHE B 82 17.02 -9.00 5.26
N LEU B 83 17.85 -9.87 5.83
CA LEU B 83 19.26 -9.56 5.78
C LEU B 83 19.84 -9.66 4.36
N GLY B 84 19.20 -10.49 3.52
CA GLY B 84 19.47 -10.52 2.10
C GLY B 84 19.24 -9.15 1.46
N ARG B 85 17.97 -8.71 1.48
CA ARG B 85 17.52 -7.44 0.96
C ARG B 85 18.45 -6.28 1.39
N TYR B 86 18.82 -6.27 2.67
CA TYR B 86 19.72 -5.26 3.20
C TYR B 86 21.06 -5.30 2.47
N MET B 87 21.70 -6.47 2.46
CA MET B 87 23.01 -6.63 1.87
C MET B 87 23.00 -6.14 0.43
N SER B 88 21.94 -6.52 -0.30
CA SER B 88 21.69 -6.18 -1.69
C SER B 88 21.80 -4.67 -1.89
N ALA B 89 21.00 -3.94 -1.09
CA ALA B 89 20.89 -2.50 -1.20
C ALA B 89 22.20 -1.84 -0.75
N LEU B 90 22.81 -2.35 0.32
CA LEU B 90 24.03 -1.76 0.86
C LEU B 90 25.11 -1.63 -0.22
N ASN B 91 25.12 -2.61 -1.11
CA ASN B 91 26.21 -2.77 -2.05
C ASN B 91 26.20 -1.58 -3.02
N HIS B 92 24.99 -1.01 -3.25
CA HIS B 92 24.78 0.19 -4.07
C HIS B 92 24.97 1.45 -3.24
N THR B 93 24.33 1.54 -2.05
CA THR B 93 24.25 2.81 -1.34
C THR B 93 25.60 3.18 -0.77
N LYS B 94 26.49 2.19 -0.77
CA LYS B 94 27.89 2.32 -0.40
C LYS B 94 28.53 3.31 -1.36
N LYS B 95 28.05 3.31 -2.61
CA LYS B 95 28.61 4.09 -3.70
C LYS B 95 27.91 5.42 -3.92
N TRP B 96 26.89 5.81 -3.14
CA TRP B 96 26.32 7.14 -3.24
C TRP B 96 27.17 8.13 -2.46
N LYS B 97 27.09 9.43 -2.78
CA LYS B 97 27.86 10.39 -1.99
C LYS B 97 26.92 11.12 -1.03
N TYR B 98 27.41 11.47 0.17
CA TYR B 98 26.54 12.09 1.17
C TYR B 98 27.04 13.48 1.57
N PRO B 99 26.86 14.53 0.72
CA PRO B 99 27.29 15.89 1.07
C PRO B 99 26.60 16.39 2.32
N GLN B 100 27.31 17.13 3.18
CA GLN B 100 26.65 18.02 4.11
C GLN B 100 26.00 19.12 3.29
N VAL B 101 24.73 19.46 3.51
CA VAL B 101 24.14 20.53 2.74
C VAL B 101 23.35 21.43 3.69
N ASN B 102 23.68 22.72 3.77
CA ASN B 102 22.99 23.56 4.74
C ASN B 102 22.97 22.89 6.12
N GLY B 103 24.07 22.24 6.50
CA GLY B 103 24.15 21.70 7.83
C GLY B 103 23.58 20.29 7.94
N LEU B 104 23.03 19.71 6.88
CA LEU B 104 22.43 18.38 7.05
C LEU B 104 23.12 17.35 6.15
N THR B 105 23.08 16.07 6.54
CA THR B 105 23.51 15.06 5.60
C THR B 105 22.44 14.90 4.52
N SER B 106 22.81 15.11 3.24
CA SER B 106 21.93 14.82 2.12
C SER B 106 22.49 13.68 1.30
N ILE B 107 21.91 13.41 0.13
CA ILE B 107 22.43 12.43 -0.82
C ILE B 107 22.43 13.00 -2.24
N LYS B 108 23.61 12.96 -2.88
CA LYS B 108 23.74 13.26 -4.29
C LYS B 108 22.84 12.31 -5.10
N TRP B 109 22.01 12.86 -5.99
CA TRP B 109 21.01 12.02 -6.64
C TRP B 109 21.65 10.81 -7.32
N ALA B 110 21.04 9.63 -7.17
CA ALA B 110 21.31 8.41 -7.93
C ALA B 110 20.18 7.43 -7.69
N ASP B 111 19.74 6.73 -8.75
CA ASP B 111 18.82 5.60 -8.65
C ASP B 111 17.53 6.00 -7.92
N ASN B 112 16.92 7.13 -8.33
CA ASN B 112 15.70 7.61 -7.68
C ASN B 112 15.80 7.64 -6.17
N ASN B 113 16.92 8.19 -5.67
CA ASN B 113 17.10 8.18 -4.23
C ASN B 113 16.52 9.47 -3.67
N CYS B 114 15.82 10.26 -4.50
CA CYS B 114 15.31 11.56 -4.06
C CYS B 114 14.46 11.38 -2.80
N TYR B 115 13.53 10.40 -2.82
CA TYR B 115 12.67 10.18 -1.67
C TYR B 115 13.51 9.86 -0.44
N LEU B 116 14.61 9.10 -0.60
CA LEU B 116 15.39 8.73 0.58
C LEU B 116 16.11 9.96 1.13
N ALA B 117 16.66 10.79 0.23
CA ALA B 117 17.28 12.05 0.64
C ALA B 117 16.29 12.86 1.45
N THR B 118 15.05 12.95 0.99
CA THR B 118 14.10 13.85 1.62
C THR B 118 13.79 13.27 2.98
N ALA B 119 13.53 11.95 3.03
CA ALA B 119 13.37 11.31 4.33
C ALA B 119 14.54 11.67 5.27
N LEU B 120 15.79 11.37 4.83
CA LEU B 120 16.96 11.58 5.64
C LEU B 120 17.00 13.03 6.12
N LEU B 121 16.73 13.97 5.21
CA LEU B 121 16.85 15.37 5.57
C LEU B 121 15.85 15.77 6.65
N THR B 122 14.62 15.30 6.52
CA THR B 122 13.57 15.54 7.49
C THR B 122 13.94 14.88 8.83
N LEU B 123 14.50 13.67 8.82
CA LEU B 123 14.77 13.02 10.10
C LEU B 123 15.74 13.84 10.94
N GLN B 124 16.65 14.54 10.28
CA GLN B 124 17.62 15.32 11.01
C GLN B 124 16.98 16.61 11.53
N GLN B 125 15.68 16.74 11.35
CA GLN B 125 15.08 18.03 11.66
C GLN B 125 13.96 17.90 12.67
N ILE B 126 13.72 16.68 13.14
CA ILE B 126 12.55 16.28 13.90
C ILE B 126 13.07 15.45 15.08
N GLU B 127 12.37 15.42 16.21
CA GLU B 127 12.88 14.62 17.32
C GLU B 127 12.32 13.20 17.31
N LEU B 128 13.18 12.20 17.33
CA LEU B 128 12.76 10.85 16.96
C LEU B 128 13.92 9.92 17.30
N LYS B 129 13.64 8.78 17.96
CA LYS B 129 14.70 7.87 18.32
C LYS B 129 14.29 6.47 17.88
N PHE B 130 15.16 5.77 17.16
CA PHE B 130 14.72 4.50 16.60
C PHE B 130 14.98 3.40 17.61
N ASN B 131 14.10 2.41 17.60
CA ASN B 131 14.16 1.35 18.58
C ASN B 131 15.19 0.30 18.16
N PRO B 132 15.17 -0.28 16.93
CA PRO B 132 16.07 -1.41 16.65
C PRO B 132 17.50 -0.88 16.82
N PRO B 133 18.40 -1.59 17.55
CA PRO B 133 19.80 -1.12 17.68
C PRO B 133 20.39 -0.78 16.31
N ALA B 134 20.31 -1.71 15.35
CA ALA B 134 20.88 -1.53 14.04
C ALA B 134 20.48 -0.20 13.37
N LEU B 135 19.21 0.21 13.49
CA LEU B 135 18.71 1.43 12.87
C LEU B 135 19.27 2.64 13.58
N GLN B 136 19.20 2.62 14.90
CA GLN B 136 19.63 3.74 15.70
C GLN B 136 21.11 3.96 15.44
N ASP B 137 21.86 2.84 15.34
CA ASP B 137 23.28 2.92 15.11
C ASP B 137 23.51 3.64 13.78
N ALA B 138 23.05 3.01 12.70
CA ALA B 138 23.13 3.50 11.35
C ALA B 138 22.71 4.96 11.29
N TYR B 139 21.65 5.30 12.03
CA TYR B 139 21.08 6.62 11.96
C TYR B 139 22.08 7.65 12.49
N TYR B 140 22.71 7.33 13.62
CA TYR B 140 23.75 8.18 14.18
C TYR B 140 24.86 8.51 13.17
N ARG B 141 25.29 7.47 12.46
CA ARG B 141 26.34 7.56 11.47
CA ARG B 141 26.35 7.60 11.49
C ARG B 141 25.86 8.49 10.35
N ALA B 142 24.62 8.26 9.90
CA ALA B 142 24.00 9.06 8.87
C ALA B 142 23.99 10.52 9.29
N ARG B 143 23.44 10.81 10.48
CA ARG B 143 23.40 12.16 11.02
CA ARG B 143 23.40 12.16 11.04
C ARG B 143 24.79 12.77 10.86
N ALA B 144 25.81 11.93 11.03
CA ALA B 144 27.19 12.38 11.08
C ALA B 144 27.80 12.41 9.69
N GLY B 145 27.09 11.97 8.65
CA GLY B 145 27.65 12.16 7.34
C GLY B 145 27.85 10.85 6.58
N GLU B 146 28.10 9.74 7.27
CA GLU B 146 28.27 8.44 6.65
C GLU B 146 26.95 7.69 6.66
N ALA B 147 26.19 7.70 5.57
CA ALA B 147 24.79 7.32 5.69
C ALA B 147 24.44 6.10 4.86
N ALA B 148 25.43 5.31 4.44
CA ALA B 148 25.19 4.23 3.51
C ALA B 148 24.38 3.11 4.18
N ASN B 149 24.68 2.83 5.46
CA ASN B 149 23.93 1.74 6.11
C ASN B 149 22.52 2.21 6.43
N PHE B 150 22.42 3.43 6.95
CA PHE B 150 21.09 3.92 7.27
C PHE B 150 20.18 3.76 6.04
N CYS B 151 20.70 4.12 4.86
CA CYS B 151 19.88 4.12 3.67
C CYS B 151 19.59 2.68 3.27
N ALA B 152 20.60 1.81 3.35
CA ALA B 152 20.39 0.42 2.97
C ALA B 152 19.32 -0.19 3.88
N LEU B 153 19.36 0.14 5.18
CA LEU B 153 18.41 -0.39 6.13
C LEU B 153 17.02 0.11 5.78
N ILE B 154 16.86 1.42 5.57
CA ILE B 154 15.58 2.04 5.19
C ILE B 154 14.97 1.26 4.03
N LEU B 155 15.81 0.87 3.08
CA LEU B 155 15.29 0.14 1.95
C LEU B 155 14.79 -1.22 2.42
N ALA B 156 15.60 -1.92 3.22
CA ALA B 156 15.20 -3.25 3.63
C ALA B 156 13.90 -3.16 4.44
N TYR B 157 13.82 -2.17 5.32
CA TYR B 157 12.65 -2.03 6.16
C TYR B 157 11.38 -1.71 5.35
N CYS B 158 11.48 -0.98 4.23
CA CYS B 158 10.27 -0.58 3.55
C CYS B 158 10.00 -1.57 2.46
N ASN B 159 10.95 -2.49 2.31
CA ASN B 159 10.83 -3.57 1.36
C ASN B 159 10.87 -2.97 -0.05
N LYS B 160 11.83 -2.08 -0.30
CA LYS B 160 12.03 -1.56 -1.64
C LYS B 160 13.45 -1.86 -2.03
N THR B 161 13.75 -1.89 -3.32
CA THR B 161 15.09 -2.18 -3.82
C THR B 161 15.68 -0.90 -4.40
N VAL B 162 17.02 -0.81 -4.45
CA VAL B 162 17.66 0.32 -5.08
C VAL B 162 17.09 0.55 -6.47
N GLY B 163 16.92 1.83 -6.81
CA GLY B 163 16.40 2.15 -8.13
C GLY B 163 14.89 2.27 -8.15
N GLU B 164 14.20 1.62 -7.24
CA GLU B 164 12.76 1.61 -7.29
C GLU B 164 12.27 2.91 -6.65
N LEU B 165 11.33 3.55 -7.35
CA LEU B 165 10.62 4.78 -7.00
C LEU B 165 9.98 4.63 -5.63
N GLY B 166 10.02 5.69 -4.80
CA GLY B 166 9.54 5.61 -3.43
C GLY B 166 8.67 6.81 -3.06
N ASP B 167 7.85 6.64 -2.00
CA ASP B 167 6.98 7.71 -1.54
C ASP B 167 7.50 8.14 -0.18
N VAL B 168 7.62 9.44 0.06
CA VAL B 168 8.25 9.90 1.30
C VAL B 168 7.37 9.64 2.52
N ARG B 169 6.05 9.87 2.35
CA ARG B 169 5.07 9.61 3.39
C ARG B 169 5.14 8.13 3.78
N GLU B 170 5.03 7.26 2.79
CA GLU B 170 5.09 5.82 3.01
C GLU B 170 6.40 5.45 3.67
N THR B 171 7.47 6.15 3.36
CA THR B 171 8.75 5.76 3.93
C THR B 171 8.77 6.07 5.40
N MET B 172 8.47 7.34 5.75
CA MET B 172 8.47 7.77 7.14
C MET B 172 7.53 6.86 7.90
N SER B 173 6.42 6.55 7.27
CA SER B 173 5.39 5.78 7.94
C SER B 173 5.97 4.48 8.46
N TYR B 174 6.64 3.68 7.61
CA TYR B 174 7.28 2.44 8.01
C TYR B 174 8.31 2.69 9.11
N LEU B 175 9.07 3.77 8.96
CA LEU B 175 10.19 4.04 9.83
C LEU B 175 9.67 4.47 11.20
N PHE B 176 8.52 5.15 11.25
CA PHE B 176 7.95 5.54 12.51
C PHE B 176 7.44 4.32 13.26
N GLN B 177 6.97 3.29 12.53
CA GLN B 177 6.66 1.99 13.11
C GLN B 177 7.81 1.60 14.05
N HIS B 178 9.02 2.14 13.84
CA HIS B 178 10.21 1.60 14.49
C HIS B 178 10.87 2.62 15.40
N ALA B 179 10.16 3.70 15.71
CA ALA B 179 10.72 4.68 16.61
C ALA B 179 9.86 4.77 17.86
N ASN B 180 10.27 5.66 18.77
CA ASN B 180 9.67 5.67 20.09
CA ASN B 180 9.76 5.77 20.12
C ASN B 180 8.55 6.70 20.14
N LEU B 181 7.43 6.36 19.51
CA LEU B 181 6.34 7.32 19.43
C LEU B 181 5.14 6.90 20.23
N ASP B 182 5.33 6.07 21.24
CA ASP B 182 4.23 5.32 21.81
C ASP B 182 3.42 6.26 22.72
N SER B 183 4.20 7.03 23.49
CA SER B 183 3.77 8.15 24.31
C SER B 183 3.30 9.31 23.44
N CYS B 184 2.71 9.05 22.27
CA CYS B 184 2.24 10.14 21.42
C CYS B 184 0.72 10.05 21.37
N LYS B 185 0.03 11.20 21.45
CA LYS B 185 -1.40 11.15 21.65
C LYS B 185 -2.07 12.27 20.85
N ARG B 186 -3.21 11.95 20.23
CA ARG B 186 -3.99 12.91 19.48
C ARG B 186 -5.47 12.68 19.76
N VAL B 187 -6.20 13.77 20.01
CA VAL B 187 -7.61 13.61 20.29
C VAL B 187 -8.36 14.51 19.32
N LEU B 188 -9.32 13.90 18.60
CA LEU B 188 -10.04 14.52 17.49
C LEU B 188 -11.50 14.56 17.84
N ASN B 189 -12.17 15.65 17.46
CA ASN B 189 -13.59 15.72 17.67
C ASN B 189 -14.25 16.00 16.31
N VAL B 190 -15.35 15.29 16.04
CA VAL B 190 -16.11 15.44 14.81
C VAL B 190 -17.52 15.91 15.18
N VAL B 191 -17.87 17.15 14.80
CA VAL B 191 -19.14 17.78 15.14
C VAL B 191 -20.06 17.78 13.92
N CYS B 192 -21.24 17.16 14.10
CA CYS B 192 -22.13 16.72 13.02
C CYS B 192 -23.41 17.54 13.01
N LYS B 193 -23.57 18.41 14.01
CA LYS B 193 -24.74 19.25 14.13
C LYS B 193 -25.97 18.38 14.39
N THR B 194 -26.41 17.59 13.41
CA THR B 194 -27.59 16.75 13.61
C THR B 194 -27.26 15.40 14.26
N CYS B 195 -26.12 14.77 13.95
CA CYS B 195 -25.80 13.52 14.64
C CYS B 195 -25.11 13.73 15.98
N GLY B 196 -24.91 14.99 16.40
CA GLY B 196 -24.29 15.27 17.68
C GLY B 196 -22.78 15.45 17.57
N GLN B 197 -22.02 14.90 18.54
CA GLN B 197 -20.56 14.97 18.57
C GLN B 197 -19.93 13.60 18.83
N GLN B 198 -18.63 13.50 18.55
CA GLN B 198 -17.98 12.20 18.48
C GLN B 198 -16.46 12.39 18.53
N GLN B 199 -15.89 12.06 19.70
CA GLN B 199 -14.48 12.27 19.99
C GLN B 199 -13.72 10.97 19.72
N THR B 200 -12.40 11.03 19.50
CA THR B 200 -11.54 9.86 19.36
C THR B 200 -10.09 10.19 19.71
N THR B 201 -9.44 9.21 20.36
CA THR B 201 -8.03 9.25 20.68
C THR B 201 -7.28 8.34 19.71
N LEU B 202 -6.15 8.86 19.20
CA LEU B 202 -5.17 8.11 18.43
C LEU B 202 -3.84 8.16 19.15
N LYS B 203 -3.26 6.98 19.33
CA LYS B 203 -2.00 6.87 20.05
C LYS B 203 -0.97 6.43 19.02
N GLY B 204 0.32 6.69 19.31
CA GLY B 204 1.38 6.13 18.50
C GLY B 204 1.57 6.83 17.16
N VAL B 205 1.86 6.04 16.12
CA VAL B 205 2.19 6.56 14.81
C VAL B 205 1.01 7.36 14.27
N GLU B 206 -0.22 6.92 14.50
CA GLU B 206 -1.37 7.58 13.89
C GLU B 206 -1.62 8.93 14.53
N ALA B 207 -0.98 9.18 15.68
CA ALA B 207 -1.12 10.43 16.41
C ALA B 207 -0.34 11.54 15.74
N VAL B 208 0.62 11.22 14.87
CA VAL B 208 1.52 12.23 14.35
C VAL B 208 1.37 12.42 12.84
N MET B 209 0.51 11.63 12.20
CA MET B 209 0.42 11.67 10.76
C MET B 209 -1.02 11.93 10.42
N TYR B 210 -1.26 12.96 9.61
CA TYR B 210 -2.55 13.15 9.00
C TYR B 210 -2.39 13.19 7.49
N MET B 211 -3.43 12.73 6.80
CA MET B 211 -3.44 12.70 5.35
C MET B 211 -4.74 13.36 4.89
N GLY B 212 -4.62 14.52 4.24
CA GLY B 212 -5.83 15.16 3.73
C GLY B 212 -5.74 16.69 3.68
N THR B 213 -4.78 17.29 4.40
CA THR B 213 -4.57 18.74 4.36
C THR B 213 -3.14 19.02 4.84
N LEU B 214 -2.55 20.11 4.35
CA LEU B 214 -1.17 20.41 4.65
C LEU B 214 -1.14 21.37 5.83
N SER B 215 -2.22 22.17 6.07
CA SER B 215 -2.16 23.23 7.06
C SER B 215 -2.50 22.73 8.47
N TYR B 216 -1.56 22.93 9.40
CA TYR B 216 -1.78 22.51 10.78
C TYR B 216 -2.87 23.39 11.40
N GLU B 217 -2.72 24.70 11.22
CA GLU B 217 -3.70 25.71 11.54
C GLU B 217 -5.09 25.32 11.08
N GLN B 218 -5.21 24.83 9.84
CA GLN B 218 -6.49 24.46 9.30
C GLN B 218 -7.08 23.30 10.09
N PHE B 219 -6.23 22.45 10.63
CA PHE B 219 -6.70 21.24 11.28
C PHE B 219 -7.15 21.58 12.71
N LYS B 220 -6.56 22.64 13.24
CA LYS B 220 -6.89 23.14 14.54
C LYS B 220 -8.17 23.97 14.45
N LYS B 221 -8.35 24.64 13.30
CA LYS B 221 -9.53 25.47 13.10
C LYS B 221 -10.70 24.57 12.74
N GLY B 222 -10.42 23.43 12.10
CA GLY B 222 -11.46 22.51 11.68
C GLY B 222 -11.51 22.42 10.16
N VAL B 223 -11.93 21.25 9.66
CA VAL B 223 -11.70 20.82 8.31
C VAL B 223 -12.94 20.01 7.97
N GLN B 224 -13.71 20.40 6.94
CA GLN B 224 -15.01 19.77 6.73
C GLN B 224 -14.84 18.38 6.13
N ILE B 225 -15.47 17.35 6.70
CA ILE B 225 -15.40 16.05 6.05
C ILE B 225 -16.81 15.47 6.03
N PRO B 226 -17.23 14.76 4.97
CA PRO B 226 -18.66 14.53 4.75
C PRO B 226 -19.24 13.51 5.73
N CYS B 227 -20.36 13.89 6.34
CA CYS B 227 -20.99 13.02 7.33
C CYS B 227 -21.94 12.06 6.62
N THR B 228 -22.13 10.92 7.30
CA THR B 228 -22.83 9.73 6.84
C THR B 228 -24.36 9.95 6.83
N CYS B 229 -24.86 10.90 7.64
CA CYS B 229 -26.26 11.34 7.58
C CYS B 229 -26.48 12.26 6.38
N GLY B 230 -25.40 12.57 5.64
CA GLY B 230 -25.49 13.41 4.47
C GLY B 230 -25.54 14.91 4.77
N LYS B 231 -24.95 15.31 5.91
CA LYS B 231 -24.42 16.65 6.12
C LYS B 231 -22.91 16.57 5.84
N GLN B 232 -22.24 17.74 5.84
CA GLN B 232 -20.77 17.75 5.92
C GLN B 232 -20.38 18.11 7.36
N ALA B 233 -19.72 17.18 8.07
CA ALA B 233 -19.28 17.38 9.44
C ALA B 233 -18.06 18.32 9.47
N THR B 234 -17.54 18.59 10.68
CA THR B 234 -16.26 19.26 10.86
C THR B 234 -15.39 18.47 11.83
N LYS B 235 -14.20 18.08 11.36
CA LYS B 235 -13.20 17.45 12.21
C LYS B 235 -12.26 18.55 12.70
N TYR B 236 -11.92 18.54 14.00
CA TYR B 236 -10.85 19.40 14.50
C TYR B 236 -10.01 18.68 15.55
N LEU B 237 -8.83 19.26 15.76
CA LEU B 237 -7.85 18.67 16.65
C LEU B 237 -8.09 19.22 18.04
N VAL B 238 -8.54 18.37 18.98
CA VAL B 238 -8.85 18.85 20.33
C VAL B 238 -7.60 18.87 21.19
N GLN B 239 -6.77 17.82 21.07
CA GLN B 239 -5.52 17.83 21.81
C GLN B 239 -4.42 17.10 21.06
N GLN B 240 -3.18 17.60 21.21
CA GLN B 240 -2.02 17.00 20.60
C GLN B 240 -0.84 16.97 21.57
N GLU B 241 -0.26 15.77 21.75
CA GLU B 241 0.96 15.57 22.52
C GLU B 241 1.93 14.75 21.69
N SER B 242 2.91 15.45 21.12
CA SER B 242 3.96 14.85 20.30
C SER B 242 5.07 15.89 20.05
N PRO B 243 6.29 15.42 19.73
CA PRO B 243 7.40 16.34 19.49
C PRO B 243 7.36 16.99 18.10
N PHE B 244 6.55 16.41 17.18
CA PHE B 244 6.25 17.02 15.88
C PHE B 244 4.92 16.46 15.33
N VAL B 245 4.43 17.04 14.22
CA VAL B 245 3.35 16.44 13.46
C VAL B 245 3.78 16.44 11.99
N MET B 246 3.16 15.55 11.20
CA MET B 246 3.35 15.46 9.76
C MET B 246 2.01 15.55 9.03
N MET B 247 1.77 16.68 8.34
CA MET B 247 0.54 16.88 7.58
C MET B 247 0.81 16.59 6.09
N SER B 248 -0.01 15.73 5.48
CA SER B 248 0.20 15.30 4.11
C SER B 248 -1.08 15.49 3.30
N ALA B 249 -0.92 15.60 1.96
CA ALA B 249 -2.04 15.56 1.04
C ALA B 249 -1.50 15.23 -0.34
N PRO B 250 -2.38 14.86 -1.30
CA PRO B 250 -1.97 14.78 -2.70
C PRO B 250 -1.26 16.09 -3.04
N PRO B 251 -0.21 16.07 -3.91
CA PRO B 251 0.57 17.29 -4.18
C PRO B 251 -0.30 18.37 -4.82
N ALA B 252 -0.12 19.61 -4.39
CA ALA B 252 -0.78 20.75 -5.01
C ALA B 252 0.01 22.01 -4.69
N GLN B 253 -0.22 23.05 -5.50
CA GLN B 253 0.48 24.31 -5.30
C GLN B 253 0.17 24.77 -3.87
N TYR B 254 1.21 25.10 -3.11
CA TYR B 254 1.03 25.48 -1.72
C TYR B 254 2.10 26.50 -1.37
N GLU B 255 1.72 27.49 -0.55
CA GLU B 255 2.67 28.54 -0.22
C GLU B 255 3.17 28.29 1.19
N LEU B 256 4.48 28.09 1.33
CA LEU B 256 5.04 27.84 2.63
C LEU B 256 5.51 29.20 3.14
N LYS B 257 5.15 29.61 4.37
CA LYS B 257 5.68 30.87 4.85
C LYS B 257 6.85 30.61 5.80
N HIS B 258 7.93 31.38 5.65
CA HIS B 258 9.07 31.24 6.53
C HIS B 258 8.55 31.31 7.95
N GLY B 259 9.11 30.48 8.84
CA GLY B 259 8.83 30.56 10.26
C GLY B 259 7.61 29.76 10.71
N THR B 260 6.81 29.21 9.76
CA THR B 260 5.48 28.70 10.08
C THR B 260 5.41 27.18 9.97
N PHE B 261 6.51 26.57 9.51
CA PHE B 261 6.59 25.12 9.42
C PHE B 261 8.07 24.83 9.66
N THR B 262 8.42 23.55 9.80
CA THR B 262 9.83 23.31 10.09
C THR B 262 10.50 22.88 8.78
N CYS B 263 9.92 21.90 8.09
CA CYS B 263 10.41 21.51 6.77
C CYS B 263 9.27 20.84 6.01
N ALA B 264 9.44 20.62 4.71
CA ALA B 264 8.34 20.14 3.89
C ALA B 264 8.89 19.44 2.65
N SER B 265 8.07 18.60 2.01
CA SER B 265 8.57 17.93 0.83
C SER B 265 7.69 18.19 -0.39
N GLU B 266 8.31 18.65 -1.49
CA GLU B 266 7.56 18.92 -2.72
C GLU B 266 7.78 17.82 -3.74
N TYR B 267 6.82 17.67 -4.63
CA TYR B 267 6.90 16.60 -5.59
C TYR B 267 6.37 17.10 -6.90
N THR B 268 7.28 17.14 -7.88
CA THR B 268 6.85 17.49 -9.22
C THR B 268 6.90 16.27 -10.11
N GLY B 269 5.95 16.15 -11.01
CA GLY B 269 6.02 14.95 -11.80
C GLY B 269 4.68 14.24 -11.74
N ASN B 270 4.70 12.95 -12.05
CA ASN B 270 3.51 12.12 -12.07
C ASN B 270 3.89 10.74 -11.54
N TYR B 271 3.05 9.77 -11.86
CA TYR B 271 3.12 8.47 -11.23
C TYR B 271 4.35 7.76 -11.74
N GLN B 272 4.60 7.86 -13.05
CA GLN B 272 5.69 7.10 -13.61
C GLN B 272 6.99 7.85 -13.46
N CYS B 273 6.98 9.19 -13.55
CA CYS B 273 8.22 9.95 -13.47
C CYS B 273 7.99 11.20 -12.63
N GLY B 274 8.84 11.43 -11.63
CA GLY B 274 8.62 12.63 -10.83
C GLY B 274 9.81 12.94 -9.94
N HIS B 275 9.75 14.01 -9.16
CA HIS B 275 10.94 14.35 -8.40
C HIS B 275 10.60 15.06 -7.09
N TYR B 276 11.20 14.54 -6.02
CA TYR B 276 11.00 15.12 -4.71
C TYR B 276 12.08 16.17 -4.47
N LYS B 277 11.71 17.32 -3.92
CA LYS B 277 12.69 18.20 -3.30
C LYS B 277 12.27 18.51 -1.86
N HIS B 278 13.23 18.96 -1.05
CA HIS B 278 13.04 19.28 0.35
C HIS B 278 13.05 20.78 0.63
N ILE B 279 12.07 21.30 1.37
CA ILE B 279 12.13 22.70 1.75
C ILE B 279 12.21 22.84 3.26
N THR B 280 13.04 23.77 3.73
CA THR B 280 13.27 23.89 5.15
C THR B 280 13.36 25.36 5.53
N SER B 281 12.69 25.78 6.63
N SER B 281 12.56 25.73 6.55
CA SER B 281 12.60 27.20 7.00
CA SER B 281 12.64 27.01 7.23
C SER B 281 13.56 27.60 8.15
C SER B 281 13.92 27.03 8.08
N LYS B 282 14.79 27.99 7.78
CA LYS B 282 15.84 28.45 8.68
C LYS B 282 15.75 29.96 8.81
N GLU B 283 16.86 30.69 8.64
CA GLU B 283 16.74 32.14 8.74
C GLU B 283 16.03 32.69 7.50
N THR B 284 15.98 31.84 6.46
CA THR B 284 15.24 32.04 5.24
C THR B 284 14.81 30.67 4.71
N LEU B 285 14.09 30.61 3.59
CA LEU B 285 13.67 29.32 3.06
C LEU B 285 14.80 28.73 2.23
N TYR B 286 15.10 27.46 2.45
CA TYR B 286 16.06 26.76 1.63
C TYR B 286 15.42 25.56 0.96
N CYS B 287 15.72 25.42 -0.33
CA CYS B 287 15.37 24.22 -1.07
C CYS B 287 16.61 23.34 -1.19
N ILE B 288 16.49 22.08 -0.80
CA ILE B 288 17.61 21.15 -0.91
C ILE B 288 17.19 20.02 -1.84
N ASP B 289 17.96 19.85 -2.93
CA ASP B 289 17.63 18.92 -3.98
C ASP B 289 18.82 18.02 -4.18
N GLY B 290 18.90 16.98 -3.36
CA GLY B 290 20.08 16.14 -3.30
C GLY B 290 21.31 16.96 -2.91
N ALA B 291 22.24 17.16 -3.85
CA ALA B 291 23.47 17.85 -3.52
C ALA B 291 23.33 19.34 -3.83
N LEU B 292 22.19 19.76 -4.35
CA LEU B 292 21.98 21.10 -4.82
C LEU B 292 21.23 21.89 -3.75
N LEU B 293 21.53 23.20 -3.61
CA LEU B 293 20.87 24.05 -2.62
C LEU B 293 20.52 25.43 -3.18
N THR B 294 19.32 25.93 -2.95
CA THR B 294 18.97 27.29 -3.29
C THR B 294 18.12 27.92 -2.19
N LYS B 295 18.11 29.26 -2.13
CA LYS B 295 17.41 29.93 -1.07
C LYS B 295 16.48 30.98 -1.64
N SER B 296 15.33 31.24 -0.98
CA SER B 296 14.56 32.43 -1.29
C SER B 296 13.74 32.85 -0.08
N SER B 297 13.15 34.06 -0.17
CA SER B 297 12.33 34.61 0.90
C SER B 297 10.90 34.10 0.80
N GLU B 298 10.39 33.89 -0.42
CA GLU B 298 9.06 33.31 -0.57
C GLU B 298 9.24 31.90 -1.09
N TYR B 299 8.15 31.11 -1.20
CA TYR B 299 8.11 29.81 -1.87
C TYR B 299 6.65 29.38 -2.06
N LYS B 300 6.26 29.08 -3.30
CA LYS B 300 5.00 28.43 -3.65
C LYS B 300 5.35 27.31 -4.64
N GLY B 301 4.58 26.22 -4.69
CA GLY B 301 5.04 25.05 -5.42
C GLY B 301 4.35 23.77 -4.94
N PRO B 302 4.47 22.62 -5.65
CA PRO B 302 3.61 21.47 -5.38
C PRO B 302 4.07 20.66 -4.17
N ILE B 303 3.45 20.93 -3.01
CA ILE B 303 3.86 20.29 -1.76
C ILE B 303 2.97 19.09 -1.45
N THR B 304 3.60 18.11 -0.79
CA THR B 304 2.91 16.88 -0.48
C THR B 304 2.93 16.57 1.03
N ASP B 305 4.01 16.95 1.73
CA ASP B 305 4.15 16.69 3.17
C ASP B 305 4.71 17.93 3.85
N VAL B 306 4.10 18.33 4.98
CA VAL B 306 4.65 19.41 5.79
C VAL B 306 4.83 18.94 7.24
N PHE B 307 5.97 19.29 7.84
CA PHE B 307 6.28 18.91 9.21
C PHE B 307 6.34 20.16 10.08
N TYR B 308 5.67 20.03 11.23
CA TYR B 308 5.63 21.06 12.27
C TYR B 308 6.16 20.51 13.59
N LYS B 309 6.92 21.37 14.30
CA LYS B 309 7.40 21.12 15.65
C LYS B 309 6.20 21.27 16.58
N GLU B 310 5.98 20.27 17.44
CA GLU B 310 4.90 20.32 18.40
C GLU B 310 5.45 19.96 19.77
N ASN B 311 4.70 20.33 20.79
CA ASN B 311 5.06 19.99 22.14
C ASN B 311 3.87 19.31 22.79
N SER B 312 2.96 20.19 23.22
CA SER B 312 1.62 19.81 23.60
C SER B 312 0.70 20.93 23.17
N TYR B 313 -0.40 20.56 22.52
CA TYR B 313 -1.38 21.55 22.13
C TYR B 313 -2.74 21.13 22.68
N THR B 314 -3.47 22.09 23.28
CA THR B 314 -4.87 21.84 23.52
C THR B 314 -5.69 22.90 22.81
N THR B 315 -6.87 22.51 22.27
CA THR B 315 -7.83 23.41 21.64
C THR B 315 -8.46 24.38 22.63
N THR B 316 -9.15 25.39 22.10
CA THR B 316 -9.98 26.25 22.93
C THR B 316 -11.38 26.35 22.32
N ILE B 317 -11.74 25.35 21.52
CA ILE B 317 -13.09 25.22 20.99
C ILE B 317 -13.99 24.49 22.00
N LYS B 318 -15.32 24.67 21.86
CA LYS B 318 -16.38 24.13 22.72
C LYS B 318 -16.67 25.20 23.76
C1 PRL C . 4.85 -5.05 -5.01
C2 PRL C . 4.35 -5.30 -3.76
C3 PRL C . 2.98 -5.54 -3.52
C4 PRL C . 2.12 -5.52 -4.58
C5 PRL C . 1.11 -4.97 -9.18
C6 PRL C . 1.47 -4.65 -10.47
C7 PRL C . 2.83 -4.40 -10.77
C8 PRL C . 3.80 -4.45 -9.80
C9 PRL C . 4.39 -4.76 -7.42
N10 PRL C . 1.67 -5.28 -6.91
C11 PRL C . 2.57 -5.27 -5.91
C12 PRL C . 3.46 -4.73 -8.46
C13 PRL C . 3.98 -5.01 -6.13
C14 PRL C . 2.09 -4.99 -8.15
N15 PRL C . 2.52 -5.82 -2.27
N16 PRL C . 0.53 -4.59 -11.47
C1 PRL D . 5.72 -8.64 -3.18
C2 PRL D . 5.31 -8.82 -1.89
C3 PRL D . 3.93 -9.01 -1.57
C4 PRL D . 3.01 -9.05 -2.60
C5 PRL D . 1.81 -8.75 -7.17
C6 PRL D . 2.11 -8.49 -8.48
C7 PRL D . 3.46 -8.26 -8.86
C8 PRL D . 4.48 -8.32 -7.95
C9 PRL D . 5.16 -8.50 -5.60
N10 PRL D . 2.43 -8.95 -4.91
C11 PRL D . 3.39 -8.88 -3.96
C12 PRL D . 4.19 -8.52 -6.58
C13 PRL D . 4.79 -8.64 -4.26
C14 PRL D . 2.82 -8.75 -6.18
N15 PRL D . 3.56 -9.18 -0.24
N16 PRL D . 1.10 -8.46 -9.42
C1 PRL E . 4.94 -7.13 -20.12
C2 PRL E . 5.80 -8.17 -19.88
C3 PRL E . 5.52 -9.49 -20.32
C4 PRL E . 4.34 -9.71 -21.00
C5 PRL E . 0.19 -8.25 -22.88
C6 PRL E . -0.75 -7.28 -23.15
C7 PRL E . -0.52 -5.94 -22.74
C8 PRL E . 0.64 -5.60 -22.10
C9 PRL E . 2.81 -6.31 -21.11
N10 PRL E . 2.28 -8.94 -21.93
C11 PRL E . 3.42 -8.65 -21.27
C12 PRL E . 1.63 -6.59 -21.79
C13 PRL E . 3.72 -7.32 -20.82
C14 PRL E . 1.40 -7.94 -22.18
N15 PRL E . 6.43 -10.50 -20.08
N16 PRL E . -1.91 -7.62 -23.81
C1 EDO F . -5.80 -10.30 -18.06
O1 EDO F . -4.94 -10.73 -19.10
C2 EDO F . -6.77 -11.32 -17.58
O2 EDO F . -7.86 -11.64 -18.44
C1 EDO G . -5.61 -7.84 -20.55
O1 EDO G . -5.27 -8.87 -21.49
C2 EDO G . -7.00 -7.69 -19.96
O2 EDO G . -7.94 -6.73 -20.43
C1 EDO H . -7.23 -22.77 -27.43
O1 EDO H . -5.93 -23.29 -27.69
C2 EDO H . -8.32 -23.69 -27.83
O2 EDO H . -9.58 -23.02 -27.85
C1 EDO I . -12.40 -25.64 -5.54
O1 EDO I . -11.08 -25.52 -4.98
C2 EDO I . -12.79 -26.65 -6.60
O2 EDO I . -13.48 -27.83 -6.08
ZN ZN J . 8.54 -18.86 20.25
S SO4 K . -2.04 -29.33 -23.91
O1 SO4 K . -1.45 -28.77 -22.73
O2 SO4 K . -3.17 -30.15 -23.55
O3 SO4 K . -2.49 -28.27 -24.79
O4 SO4 K . -1.06 -30.15 -24.59
S SO4 L . -1.86 -36.67 -10.61
O1 SO4 L . -1.18 -35.51 -10.09
O2 SO4 L . -2.63 -37.29 -9.55
O3 SO4 L . -2.75 -36.28 -11.67
O4 SO4 L . -0.90 -37.61 -11.11
C1 PRL M . 10.31 15.87 -13.49
C2 PRL M . 9.92 17.17 -13.44
C3 PRL M . 10.77 18.18 -12.90
C4 PRL M . 12.01 17.82 -12.42
C5 PRL M . 15.43 14.58 -11.48
C6 PRL M . 15.94 13.30 -11.50
C7 PRL M . 15.15 12.27 -12.04
C8 PRL M . 13.89 12.51 -12.53
C9 PRL M . 12.07 14.15 -13.04
N10 PRL M . 13.69 16.16 -11.95
C11 PRL M . 12.47 16.46 -12.46
C12 PRL M . 13.34 13.83 -12.54
C13 PRL M . 11.60 15.46 -13.02
C14 PRL M . 14.13 14.88 -11.99
N15 PRL M . 10.35 19.49 -12.85
N16 PRL M . 17.19 13.04 -11.00
C1 PRL N . 4.21 7.86 -7.43
C2 PRL N . 5.49 8.23 -7.16
C3 PRL N . 5.85 8.60 -5.84
C4 PRL N . 4.94 8.58 -4.83
C5 PRL N . 0.59 7.75 -3.18
C6 PRL N . -0.71 7.39 -3.38
C7 PRL N . -1.17 7.02 -4.65
C8 PRL N . -0.34 7.01 -5.73
C9 PRL N . 1.92 7.41 -6.63
N10 PRL N . 2.75 8.15 -4.04
C11 PRL N . 3.61 8.18 -5.08
C12 PRL N . 1.02 7.39 -5.58
C13 PRL N . 3.22 7.81 -6.40
C14 PRL N . 1.49 7.77 -4.28
N15 PRL N . 7.14 8.98 -5.61
N16 PRL N . -1.56 7.39 -2.34
C1 PRL O . 1.83 11.30 -5.96
C2 PRL O . 3.12 11.58 -5.65
C3 PRL O . 3.55 11.73 -4.32
C4 PRL O . 2.63 11.59 -3.29
C5 PRL O . -1.81 10.77 -1.71
C6 PRL O . -3.14 10.48 -1.95
C7 PRL O . -3.60 10.35 -3.29
C8 PRL O . -2.75 10.48 -4.35
C9 PRL O . -0.48 10.91 -5.19
N10 PRL O . 0.40 11.19 -2.53
C11 PRL O . 1.26 11.32 -3.56
C12 PRL O . -1.38 10.78 -4.14
C13 PRL O . 0.85 11.18 -4.93
C14 PRL O . -0.89 10.93 -2.80
N15 PRL O . 4.85 12.00 -4.06
N16 PRL O . -4.05 10.33 -0.93
C1 EDO P . 14.45 36.97 -2.66
O1 EDO P . 15.17 35.93 -2.00
C2 EDO P . 13.47 36.49 -3.69
O2 EDO P . 12.68 35.37 -3.24
C1 EDO Q . 15.66 -11.39 10.53
O1 EDO Q . 16.24 -11.57 9.21
C2 EDO Q . 15.76 -12.46 11.59
O2 EDO Q . 15.42 -13.81 11.26
C1 EDO R . 9.14 -1.69 8.60
O1 EDO R . 8.09 -0.92 9.20
C2 EDO R . 8.97 -3.17 8.54
O2 EDO R . 9.61 -3.94 9.57
ZN ZN S . -24.34 13.73 10.66
S SO4 T . 8.52 -8.58 11.10
O1 SO4 T . 8.63 -9.12 12.44
O2 SO4 T . 7.14 -8.26 10.82
O3 SO4 T . 9.32 -7.39 10.99
O4 SO4 T . 8.99 -9.56 10.15
S SO4 U . 29.61 -19.91 19.04
O1 SO4 U . 29.46 -21.26 19.51
O2 SO4 U . 30.41 -19.16 19.97
O3 SO4 U . 28.31 -19.30 18.92
O4 SO4 U . 30.26 -19.92 17.75
S SO4 V . 7.12 25.22 13.49
O1 SO4 V . 6.48 25.09 14.76
O2 SO4 V . 8.51 24.83 13.60
O3 SO4 V . 7.05 26.59 13.05
O4 SO4 V . 6.46 24.37 12.53
#